data_5RB5
#
_entry.id   5RB5
#
_cell.length_a   57.930
_cell.length_b   93.600
_cell.length_c   93.810
_cell.angle_alpha   90.000
_cell.angle_beta   107.800
_cell.angle_gamma   90.000
#
_symmetry.space_group_name_H-M   'P 1 21 1'
#
loop_
_entity.id
_entity.type
_entity.pdbx_description
1 polymer 'Lysine-specific demethylase 3B'
2 non-polymer ~{N}-[2-(4-fluorophenyl)ethyl]methanesulfonamide
3 non-polymer 'CHLORIDE ION'
4 non-polymer 'MANGANESE (II) ION'
5 water water
#
_entity_poly.entity_id   1
_entity_poly.type   'polypeptide(L)'
_entity_poly.pdbx_seq_one_letter_code
;MHHHHHHSSGVDLGTENLYFQSMTSHSWLCDGRLLCLHDPSNKNNWKIFRECWKQGQPVLVSGVHKKLKSELWKPEAFSQ
EFGDQDVDLVNCRNCAIISDVKVRDFWDGFEIICKRLRSEDGQPMVLKLKDWPPGEDFRDMMPTRFEDLMENLPLPEYTK
RDGRLNLASRLPSYFVRPDLGPKMYNAYGLITAEDRRVGTTNLHLDVSDAVNVMVYVGIPIGEGAHDEEVLKTIDEGDAD
EVTKERIHDHKEKPGALWHIYAAKDAEKIRELLRKVGEEQGQENPPDHDPIHDQSWYLDQTLRKRLYEEYGVQGWAIVQF
LGDAVFIPAGAPHQVHNLYSCIKVAEDFVSPEHVKHCFRLTQEFRHLSNTHT
;
_entity_poly.pdbx_strand_id   A,B
#
# COMPACT_ATOMS: atom_id res chain seq x y z
N SER A 22 14.32 -22.33 43.98
CA SER A 22 15.68 -22.32 43.41
C SER A 22 15.59 -21.72 42.00
N MET A 23 16.62 -20.96 41.59
CA MET A 23 16.73 -20.34 40.25
C MET A 23 16.99 -21.41 39.19
N THR A 24 16.28 -21.31 38.07
CA THR A 24 16.31 -22.31 36.96
C THR A 24 16.42 -21.58 35.62
N SER A 25 16.96 -22.26 34.61
CA SER A 25 17.14 -21.69 33.24
C SER A 25 15.76 -21.35 32.64
N HIS A 26 14.74 -22.19 32.85
CA HIS A 26 13.42 -22.10 32.19
C HIS A 26 12.38 -22.97 32.84
N SER A 27 11.13 -22.83 32.36
CA SER A 27 9.95 -23.67 32.70
C SER A 27 9.06 -23.83 31.46
N TRP A 28 8.11 -24.78 31.50
CA TRP A 28 7.12 -25.06 30.42
C TRP A 28 5.72 -24.65 30.88
N LEU A 29 5.12 -23.69 30.19
CA LEU A 29 3.73 -23.21 30.44
C LEU A 29 2.84 -23.73 29.31
N CYS A 30 1.55 -23.41 29.37
CA CYS A 30 0.57 -23.72 28.29
C CYS A 30 0.61 -25.23 27.97
N ASP A 31 0.47 -26.08 28.99
CA ASP A 31 0.41 -27.57 28.86
C ASP A 31 1.70 -28.10 28.18
N GLY A 32 2.86 -27.52 28.49
CA GLY A 32 4.17 -27.90 27.92
C GLY A 32 4.45 -27.32 26.54
N ARG A 33 3.55 -26.51 25.98
N ARG A 33 3.56 -26.50 26.00
CA ARG A 33 3.72 -25.95 24.61
CA ARG A 33 3.72 -25.97 24.63
C ARG A 33 4.32 -24.53 24.66
C ARG A 33 4.26 -24.52 24.66
N LEU A 34 4.52 -23.90 25.84
CA LEU A 34 5.13 -22.54 25.82
C LEU A 34 6.42 -22.56 26.67
N LEU A 35 7.57 -22.37 26.01
CA LEU A 35 8.85 -22.14 26.72
C LEU A 35 8.82 -20.80 27.45
N CYS A 36 9.16 -20.79 28.74
N CYS A 36 9.21 -20.80 28.73
CA CYS A 36 9.41 -19.55 29.54
CA CYS A 36 9.44 -19.57 29.54
C CYS A 36 10.89 -19.53 29.99
C CYS A 36 10.90 -19.54 30.00
N LEU A 37 11.69 -18.65 29.37
CA LEU A 37 13.10 -18.42 29.77
C LEU A 37 13.18 -17.43 30.94
N HIS A 38 14.04 -17.69 31.92
CA HIS A 38 14.07 -16.88 33.19
C HIS A 38 15.18 -15.81 33.25
N ASP A 39 16.26 -15.96 32.53
CA ASP A 39 17.42 -15.05 32.58
C ASP A 39 17.48 -14.38 31.23
N PRO A 40 16.99 -13.11 31.09
CA PRO A 40 16.87 -12.48 29.78
C PRO A 40 18.19 -12.29 29.03
N SER A 41 19.35 -12.26 29.70
CA SER A 41 20.65 -11.93 29.07
C SER A 41 21.56 -13.15 28.99
N ASN A 42 21.07 -14.37 29.35
CA ASN A 42 21.97 -15.54 29.35
C ASN A 42 22.50 -15.85 27.93
N LYS A 43 23.83 -15.94 27.80
CA LYS A 43 24.49 -16.21 26.50
C LYS A 43 24.20 -17.63 26.00
N ASN A 44 23.62 -18.52 26.82
CA ASN A 44 23.21 -19.88 26.36
C ASN A 44 21.70 -20.01 26.01
N ASN A 45 20.90 -18.95 26.08
CA ASN A 45 19.44 -19.03 25.85
C ASN A 45 19.12 -19.65 24.48
N TRP A 46 19.90 -19.30 23.46
CA TRP A 46 19.67 -19.82 22.09
C TRP A 46 19.59 -21.36 22.08
N LYS A 47 20.35 -22.05 22.94
CA LYS A 47 20.37 -23.55 22.92
C LYS A 47 18.99 -24.12 23.27
N ILE A 48 18.22 -23.44 24.13
CA ILE A 48 16.85 -23.84 24.59
C ILE A 48 15.78 -23.30 23.60
N PHE A 49 15.95 -22.05 23.16
CA PHE A 49 15.03 -21.29 22.28
C PHE A 49 14.87 -21.92 20.88
N ARG A 50 16.00 -22.35 20.30
N ARG A 50 15.98 -22.30 20.23
CA ARG A 50 16.16 -22.61 18.84
CA ARG A 50 15.93 -22.47 18.76
C ARG A 50 15.17 -23.66 18.36
C ARG A 50 15.04 -23.65 18.35
N GLU A 51 14.97 -24.76 19.10
CA GLU A 51 14.06 -25.86 18.65
C GLU A 51 12.60 -25.46 18.77
N CYS A 52 12.21 -24.76 19.85
CA CYS A 52 10.81 -24.28 20.01
C CYS A 52 10.46 -23.33 18.84
N TRP A 53 11.41 -22.47 18.52
CA TRP A 53 11.23 -21.44 17.46
C TRP A 53 11.08 -22.08 16.09
N LYS A 54 11.92 -23.07 15.80
CA LYS A 54 11.89 -23.79 14.50
C LYS A 54 10.51 -24.45 14.31
N GLN A 55 9.84 -24.95 15.38
CA GLN A 55 8.50 -25.59 15.37
C GLN A 55 7.37 -24.57 15.24
N GLY A 56 7.66 -23.26 15.22
CA GLY A 56 6.61 -22.25 14.98
C GLY A 56 5.88 -21.87 16.25
N GLN A 57 6.45 -22.18 17.42
CA GLN A 57 5.84 -21.78 18.73
C GLN A 57 6.21 -20.36 19.13
N PRO A 58 5.30 -19.64 19.80
CA PRO A 58 5.71 -18.45 20.55
C PRO A 58 6.60 -18.85 21.72
N VAL A 59 7.33 -17.86 22.29
CA VAL A 59 8.22 -18.03 23.45
C VAL A 59 8.01 -16.82 24.36
N LEU A 60 8.10 -17.03 25.67
CA LEU A 60 8.08 -15.94 26.67
C LEU A 60 9.45 -15.84 27.35
N VAL A 61 9.95 -14.61 27.61
CA VAL A 61 11.18 -14.40 28.40
C VAL A 61 10.85 -13.43 29.55
N SER A 62 11.01 -13.88 30.80
CA SER A 62 10.68 -13.00 31.96
C SER A 62 11.92 -12.20 32.43
N GLY A 63 11.68 -11.08 33.18
CA GLY A 63 12.75 -10.38 33.90
C GLY A 63 13.36 -9.19 33.18
N VAL A 64 12.88 -8.77 31.99
CA VAL A 64 13.54 -7.69 31.20
C VAL A 64 13.43 -6.34 31.97
N HIS A 65 12.39 -6.12 32.75
CA HIS A 65 12.21 -4.83 33.50
C HIS A 65 13.41 -4.63 34.44
N LYS A 66 13.98 -5.71 34.97
CA LYS A 66 15.15 -5.59 35.92
C LYS A 66 16.42 -5.12 35.18
N LYS A 67 16.46 -5.16 33.87
CA LYS A 67 17.63 -4.76 33.04
C LYS A 67 17.53 -3.30 32.58
N LEU A 68 16.35 -2.67 32.70
CA LEU A 68 16.04 -1.35 32.11
C LEU A 68 16.22 -0.25 33.18
N LYS A 69 16.29 0.98 32.73
CA LYS A 69 16.30 2.19 33.63
C LYS A 69 14.83 2.60 33.87
N SER A 70 14.25 2.22 34.99
CA SER A 70 12.80 2.33 35.27
C SER A 70 12.35 3.80 35.15
N GLU A 71 13.23 4.77 35.40
CA GLU A 71 12.84 6.21 35.28
C GLU A 71 12.49 6.62 33.84
N LEU A 72 13.00 5.94 32.80
CA LEU A 72 12.76 6.28 31.38
C LEU A 72 11.36 5.79 30.91
N TRP A 73 10.66 4.95 31.68
CA TRP A 73 9.47 4.21 31.17
C TRP A 73 8.23 4.58 31.99
N LYS A 74 8.21 5.75 32.64
CA LYS A 74 7.06 6.23 33.47
C LYS A 74 6.11 7.11 32.65
N PRO A 75 4.79 6.96 32.82
CA PRO A 75 3.81 7.80 32.13
C PRO A 75 3.97 9.31 32.41
N GLU A 76 4.34 9.67 33.63
CA GLU A 76 4.51 11.11 33.98
C GLU A 76 5.68 11.72 33.19
N ALA A 77 6.77 10.98 32.93
CA ALA A 77 7.92 11.48 32.14
C ALA A 77 7.47 11.72 30.68
N PHE A 78 6.72 10.79 30.08
CA PHE A 78 6.23 10.95 28.69
C PHE A 78 5.37 12.21 28.59
N SER A 79 4.50 12.43 29.57
CA SER A 79 3.63 13.64 29.55
C SER A 79 4.45 14.94 29.67
N GLN A 80 5.40 14.98 30.58
CA GLN A 80 6.28 16.16 30.85
C GLN A 80 7.08 16.51 29.59
N GLU A 81 7.72 15.51 28.97
CA GLU A 81 8.66 15.73 27.82
C GLU A 81 7.93 15.96 26.48
N PHE A 82 6.78 15.30 26.19
CA PHE A 82 6.19 15.22 24.85
C PHE A 82 4.72 15.68 24.82
N GLY A 83 4.18 16.18 25.95
CA GLY A 83 2.73 16.41 26.14
C GLY A 83 2.07 17.40 25.21
N ASP A 84 2.84 18.29 24.54
CA ASP A 84 2.24 19.27 23.56
C ASP A 84 2.17 18.75 22.12
N GLN A 85 2.58 17.51 21.86
CA GLN A 85 2.39 16.88 20.52
C GLN A 85 0.91 16.60 20.25
N ASP A 86 0.48 16.77 19.00
CA ASP A 86 -0.90 16.46 18.51
C ASP A 86 -1.01 15.00 18.03
N VAL A 87 -2.05 14.30 18.48
CA VAL A 87 -2.20 12.84 18.26
C VAL A 87 -3.67 12.52 18.05
N ASP A 88 -3.99 11.30 17.61
CA ASP A 88 -5.34 10.74 17.59
C ASP A 88 -5.38 9.57 18.58
N LEU A 89 -6.52 9.45 19.26
CA LEU A 89 -6.84 8.35 20.22
C LEU A 89 -7.93 7.47 19.63
N VAL A 90 -8.04 6.23 20.08
CA VAL A 90 -9.19 5.33 19.79
C VAL A 90 -9.96 4.98 21.07
N ASN A 91 -11.30 5.13 21.06
CA ASN A 91 -12.19 4.61 22.12
C ASN A 91 -12.27 3.07 21.93
N CYS A 92 -11.62 2.28 22.80
CA CYS A 92 -11.55 0.80 22.63
C CYS A 92 -12.95 0.17 22.62
N ARG A 93 -13.94 0.74 23.31
CA ARG A 93 -15.30 0.14 23.46
C ARG A 93 -16.10 0.17 22.14
N ASN A 94 -15.99 1.23 21.34
CA ASN A 94 -16.86 1.47 20.15
C ASN A 94 -16.05 1.77 18.90
N CYS A 95 -14.71 1.74 18.93
CA CYS A 95 -13.79 2.09 17.80
C CYS A 95 -13.91 3.56 17.31
N ALA A 96 -14.56 4.47 18.03
CA ALA A 96 -14.62 5.91 17.67
C ALA A 96 -13.21 6.51 17.72
N ILE A 97 -12.87 7.34 16.74
CA ILE A 97 -11.58 8.09 16.70
C ILE A 97 -11.78 9.45 17.37
N ILE A 98 -10.91 9.78 18.32
CA ILE A 98 -10.83 11.13 18.91
C ILE A 98 -9.66 11.83 18.21
N SER A 99 -9.96 12.77 17.29
CA SER A 99 -8.97 13.42 16.40
C SER A 99 -8.31 14.65 17.04
N ASP A 100 -7.01 14.75 16.86
CA ASP A 100 -6.22 15.99 16.95
C ASP A 100 -6.32 16.57 18.36
N VAL A 101 -6.00 15.74 19.36
CA VAL A 101 -5.89 16.18 20.78
C VAL A 101 -4.41 16.14 21.21
N LYS A 102 -4.07 16.73 22.35
CA LYS A 102 -2.71 16.74 22.93
C LYS A 102 -2.40 15.40 23.57
N VAL A 103 -1.18 14.92 23.37
CA VAL A 103 -0.84 13.60 23.93
C VAL A 103 -0.89 13.62 25.47
N ARG A 104 -0.70 14.77 26.12
CA ARG A 104 -0.89 14.90 27.60
C ARG A 104 -2.31 14.48 28.02
N ASP A 105 -3.33 14.68 27.17
CA ASP A 105 -4.74 14.34 27.55
C ASP A 105 -4.87 12.81 27.65
N PHE A 106 -4.03 12.03 26.93
CA PHE A 106 -3.94 10.57 27.15
C PHE A 106 -3.12 10.24 28.41
N TRP A 107 -1.87 10.73 28.49
CA TRP A 107 -0.91 10.34 29.56
C TRP A 107 -1.41 10.69 30.96
N ASP A 108 -2.04 11.85 31.13
CA ASP A 108 -2.43 12.29 32.50
C ASP A 108 -3.56 11.41 33.10
N GLY A 109 -4.38 10.74 32.28
CA GLY A 109 -5.37 9.79 32.77
C GLY A 109 -4.89 8.33 32.74
N PHE A 110 -3.62 8.07 32.55
CA PHE A 110 -3.17 6.64 32.35
C PHE A 110 -3.49 5.82 33.60
N GLU A 111 -3.21 6.34 34.80
CA GLU A 111 -3.43 5.61 36.07
C GLU A 111 -4.47 6.28 36.95
N ILE A 112 -4.85 7.51 36.67
CA ILE A 112 -5.75 8.30 37.58
C ILE A 112 -7.10 8.45 36.90
N ILE A 113 -8.09 7.66 37.29
CA ILE A 113 -9.37 7.53 36.55
C ILE A 113 -10.12 8.88 36.50
N CYS A 114 -10.09 9.68 37.58
CA CYS A 114 -10.82 10.98 37.62
C CYS A 114 -10.22 12.01 36.65
N LYS A 115 -9.07 11.77 35.98
CA LYS A 115 -8.52 12.71 34.97
C LYS A 115 -8.86 12.25 33.54
N ARG A 116 -9.51 11.08 33.37
CA ARG A 116 -9.73 10.53 32.00
C ARG A 116 -10.83 11.29 31.24
N LEU A 117 -10.65 11.46 29.93
CA LEU A 117 -11.70 11.91 29.00
C LEU A 117 -12.94 11.03 29.19
N ARG A 118 -14.14 11.65 29.19
CA ARG A 118 -15.43 10.94 29.40
C ARG A 118 -16.26 10.88 28.11
N SER A 119 -16.96 9.76 27.90
CA SER A 119 -17.95 9.57 26.82
C SER A 119 -19.26 10.31 27.19
N GLU A 120 -20.20 10.33 26.25
CA GLU A 120 -21.47 11.11 26.36
C GLU A 120 -22.29 10.61 27.55
N ASP A 121 -22.18 9.31 27.88
CA ASP A 121 -22.85 8.67 29.04
C ASP A 121 -22.27 9.10 30.37
N GLY A 122 -21.16 9.87 30.40
CA GLY A 122 -20.55 10.35 31.63
C GLY A 122 -19.52 9.41 32.20
N GLN A 123 -19.23 8.29 31.53
CA GLN A 123 -18.22 7.31 32.06
C GLN A 123 -16.82 7.66 31.56
N PRO A 124 -15.79 7.31 32.34
CA PRO A 124 -14.43 7.47 31.84
C PRO A 124 -14.15 6.47 30.72
N MET A 125 -13.52 6.94 29.65
CA MET A 125 -13.21 6.06 28.47
C MET A 125 -11.99 5.17 28.72
N VAL A 126 -12.01 4.03 28.00
CA VAL A 126 -10.84 3.15 27.80
C VAL A 126 -10.24 3.50 26.46
N LEU A 127 -9.05 4.14 26.50
CA LEU A 127 -8.41 4.74 25.31
C LEU A 127 -7.12 4.02 24.93
N LYS A 128 -6.86 4.02 23.63
CA LYS A 128 -5.61 3.56 22.99
C LYS A 128 -4.98 4.79 22.28
N LEU A 129 -3.71 5.03 22.47
CA LEU A 129 -2.92 6.09 21.79
C LEU A 129 -2.44 5.53 20.44
N LYS A 130 -2.95 6.10 19.35
CA LYS A 130 -2.65 5.58 17.97
C LYS A 130 -1.31 6.11 17.47
N ASP A 131 -0.46 5.22 16.93
CA ASP A 131 0.72 5.58 16.07
C ASP A 131 1.61 6.65 16.75
N TRP A 132 2.12 6.35 17.94
CA TRP A 132 2.96 7.30 18.75
C TRP A 132 4.07 6.56 19.46
N PRO A 133 5.34 6.99 19.31
CA PRO A 133 5.77 7.94 18.28
C PRO A 133 5.38 7.52 16.86
N PRO A 134 5.14 8.46 15.92
CA PRO A 134 4.62 8.12 14.60
C PRO A 134 5.65 7.48 13.62
N GLY A 135 5.15 6.58 12.78
CA GLY A 135 5.95 5.88 11.75
C GLY A 135 7.22 5.29 12.35
N GLU A 136 8.38 5.70 11.84
CA GLU A 136 9.73 5.20 12.22
C GLU A 136 10.45 6.20 13.12
N ASP A 137 9.75 7.15 13.77
CA ASP A 137 10.41 8.28 14.48
C ASP A 137 10.85 7.95 15.92
N PHE A 138 10.67 6.73 16.48
CA PHE A 138 11.03 6.43 17.89
C PHE A 138 12.48 6.85 18.16
N ARG A 139 13.44 6.40 17.35
CA ARG A 139 14.89 6.61 17.61
C ARG A 139 15.22 8.11 17.60
N ASP A 140 14.68 8.86 16.64
CA ASP A 140 14.93 10.33 16.53
C ASP A 140 14.31 11.04 17.75
N MET A 141 13.06 10.70 18.10
CA MET A 141 12.31 11.40 19.19
C MET A 141 12.88 11.05 20.56
N MET A 142 13.31 9.79 20.77
CA MET A 142 13.60 9.23 22.10
C MET A 142 14.91 8.44 22.09
N PRO A 143 16.07 9.07 21.84
CA PRO A 143 17.33 8.32 21.72
C PRO A 143 17.80 7.56 22.96
N THR A 144 17.60 8.06 24.18
CA THR A 144 18.00 7.40 25.43
C THR A 144 17.11 6.14 25.66
N ARG A 145 15.81 6.23 25.34
CA ARG A 145 14.87 5.06 25.44
C ARG A 145 15.29 4.02 24.39
N PHE A 146 15.57 4.44 23.15
CA PHE A 146 16.01 3.53 22.07
C PHE A 146 17.24 2.73 22.52
N GLU A 147 18.28 3.38 23.07
CA GLU A 147 19.51 2.69 23.56
C GLU A 147 19.16 1.70 24.70
N ASP A 148 18.37 2.12 25.69
CA ASP A 148 18.02 1.30 26.87
C ASP A 148 17.26 0.02 26.43
N LEU A 149 16.34 0.14 25.49
CA LEU A 149 15.59 -1.06 24.99
C LEU A 149 16.54 -1.94 24.17
N MET A 150 17.20 -1.38 23.15
CA MET A 150 17.89 -2.22 22.14
C MET A 150 19.03 -3.01 22.79
N GLU A 151 19.72 -2.44 23.76
CA GLU A 151 20.86 -3.07 24.49
C GLU A 151 20.37 -4.14 25.49
N ASN A 152 19.08 -4.26 25.76
CA ASN A 152 18.57 -5.22 26.77
C ASN A 152 17.56 -6.21 26.17
N LEU A 153 17.33 -6.19 24.88
CA LEU A 153 16.47 -7.20 24.19
C LEU A 153 17.06 -8.60 24.41
N PRO A 154 16.24 -9.60 24.80
CA PRO A 154 16.68 -11.01 24.80
C PRO A 154 16.93 -11.58 23.37
N LEU A 155 17.73 -12.65 23.29
CA LEU A 155 18.06 -13.38 22.03
C LEU A 155 18.61 -12.37 21.04
N PRO A 156 19.65 -11.62 21.45
CA PRO A 156 20.14 -10.51 20.61
C PRO A 156 20.68 -10.88 19.21
N GLU A 157 21.11 -12.11 18.95
CA GLU A 157 21.55 -12.49 17.58
C GLU A 157 20.35 -12.48 16.62
N TYR A 158 19.14 -12.73 17.13
CA TYR A 158 17.86 -12.68 16.39
C TYR A 158 17.31 -11.24 16.35
N THR A 159 17.34 -10.51 17.49
CA THR A 159 16.46 -9.33 17.68
C THR A 159 17.16 -7.96 17.44
N LYS A 160 18.48 -7.87 17.50
CA LYS A 160 19.22 -6.59 17.22
C LYS A 160 19.25 -6.34 15.70
N ARG A 161 19.30 -5.05 15.29
CA ARG A 161 19.11 -4.66 13.86
C ARG A 161 20.15 -5.40 13.01
N ASP A 162 21.35 -5.57 13.56
CA ASP A 162 22.57 -6.18 12.96
C ASP A 162 22.94 -7.53 13.62
N GLY A 163 22.01 -8.21 14.30
CA GLY A 163 22.30 -9.59 14.78
C GLY A 163 22.60 -10.54 13.64
N ARG A 164 23.45 -11.51 13.90
CA ARG A 164 23.89 -12.50 12.88
C ARG A 164 22.70 -13.29 12.35
N LEU A 165 21.66 -13.56 13.16
CA LEU A 165 20.49 -14.33 12.70
C LEU A 165 19.28 -13.45 12.37
N ASN A 166 19.48 -12.15 12.17
CA ASN A 166 18.40 -11.29 11.70
C ASN A 166 18.71 -10.99 10.23
N LEU A 167 17.89 -11.47 9.36
CA LEU A 167 18.11 -11.29 7.90
C LEU A 167 17.55 -9.95 7.40
N ALA A 168 16.93 -9.11 8.25
CA ALA A 168 16.15 -7.93 7.75
C ALA A 168 17.02 -7.07 6.82
N SER A 169 18.26 -6.81 7.17
CA SER A 169 19.16 -5.88 6.43
C SER A 169 19.83 -6.56 5.23
N ARG A 170 19.63 -7.86 5.05
CA ARG A 170 20.42 -8.70 4.10
C ARG A 170 19.55 -9.25 2.96
N LEU A 171 18.27 -8.90 2.86
CA LEU A 171 17.42 -9.56 1.84
C LEU A 171 17.15 -8.62 0.68
N PRO A 172 17.00 -9.17 -0.54
CA PRO A 172 16.57 -8.33 -1.68
C PRO A 172 15.06 -8.08 -1.66
N SER A 173 14.61 -7.32 -2.68
CA SER A 173 13.23 -6.80 -2.80
C SER A 173 12.19 -7.91 -3.06
N TYR A 174 12.61 -9.15 -3.34
CA TYR A 174 11.74 -10.33 -3.43
C TYR A 174 11.14 -10.65 -2.03
N PHE A 175 11.62 -9.99 -0.97
CA PHE A 175 11.12 -10.18 0.43
C PHE A 175 10.55 -8.86 0.96
N VAL A 176 9.41 -8.91 1.66
CA VAL A 176 8.86 -7.73 2.39
C VAL A 176 9.73 -7.53 3.61
N ARG A 177 10.35 -6.36 3.72
CA ARG A 177 11.23 -6.00 4.82
C ARG A 177 10.46 -5.18 5.86
N PRO A 178 10.67 -5.42 7.18
CA PRO A 178 9.99 -4.61 8.19
C PRO A 178 10.48 -3.16 8.21
N ASP A 179 9.64 -2.26 8.74
CA ASP A 179 10.00 -0.84 8.92
C ASP A 179 11.09 -0.81 9.97
N LEU A 180 11.82 0.31 10.08
CA LEU A 180 12.77 0.55 11.18
C LEU A 180 11.98 0.78 12.47
N GLY A 181 12.41 0.19 13.59
CA GLY A 181 11.60 0.12 14.83
C GLY A 181 12.42 0.80 15.92
N PRO A 182 12.11 0.61 17.19
CA PRO A 182 10.91 -0.12 17.61
C PRO A 182 9.64 0.74 17.54
N LYS A 183 8.50 0.13 17.87
CA LYS A 183 7.15 0.77 17.91
C LYS A 183 6.60 0.65 19.34
N MET A 184 6.01 1.74 19.85
CA MET A 184 5.41 1.79 21.19
C MET A 184 3.90 1.60 21.10
N TYR A 185 3.30 0.82 22.01
CA TYR A 185 1.87 0.45 22.04
C TYR A 185 1.37 0.81 23.45
N ASN A 186 0.58 1.90 23.53
CA ASN A 186 0.10 2.50 24.82
C ASN A 186 -1.43 2.49 24.85
N ALA A 187 -2.03 1.94 25.91
CA ALA A 187 -3.52 1.86 26.02
C ALA A 187 -3.88 1.59 27.47
N TYR A 188 -5.06 2.09 27.87
CA TYR A 188 -5.61 1.83 29.19
C TYR A 188 -6.08 0.37 29.30
N GLY A 189 -6.36 -0.06 30.52
CA GLY A 189 -6.91 -1.39 30.80
C GLY A 189 -8.39 -1.40 30.54
N LEU A 190 -8.91 -2.52 30.02
CA LEU A 190 -10.36 -2.81 29.94
C LEU A 190 -10.87 -3.18 31.35
N ILE A 191 -12.10 -2.75 31.66
CA ILE A 191 -12.57 -2.64 33.07
C ILE A 191 -13.77 -3.55 33.37
N THR A 192 -14.83 -3.47 32.58
CA THR A 192 -16.16 -4.03 32.91
C THR A 192 -16.37 -5.45 32.35
N ALA A 193 -17.43 -6.12 32.82
CA ALA A 193 -17.89 -7.41 32.25
C ALA A 193 -18.15 -7.29 30.75
N GLU A 194 -18.78 -6.23 30.29
CA GLU A 194 -19.03 -6.00 28.84
C GLU A 194 -17.68 -5.82 28.12
N ASP A 195 -16.69 -5.22 28.76
CA ASP A 195 -15.34 -5.01 28.16
C ASP A 195 -14.62 -6.36 27.89
N ARG A 196 -15.03 -7.48 28.54
CA ARG A 196 -14.31 -8.77 28.40
C ARG A 196 -14.26 -9.19 26.91
N ARG A 197 -15.24 -8.82 26.07
CA ARG A 197 -15.42 -9.26 24.67
C ARG A 197 -14.72 -8.33 23.64
N VAL A 198 -14.03 -7.28 24.11
CA VAL A 198 -13.41 -6.20 23.30
C VAL A 198 -11.88 -6.48 23.26
N GLY A 199 -11.21 -6.14 22.17
CA GLY A 199 -9.74 -6.21 22.11
C GLY A 199 -9.12 -4.83 22.29
N THR A 200 -7.93 -4.81 22.82
CA THR A 200 -7.00 -3.64 22.73
C THR A 200 -6.48 -3.60 21.30
N THR A 201 -5.93 -4.72 20.82
CA THR A 201 -5.50 -4.91 19.41
C THR A 201 -6.25 -6.14 18.88
N ASN A 202 -7.04 -5.95 17.84
CA ASN A 202 -7.83 -7.03 17.19
C ASN A 202 -6.91 -8.07 16.53
N LEU A 203 -7.51 -9.21 16.27
CA LEU A 203 -6.84 -10.36 15.58
C LEU A 203 -6.23 -9.92 14.26
N HIS A 204 -4.93 -10.18 14.08
CA HIS A 204 -4.16 -9.85 12.86
C HIS A 204 -2.93 -10.73 12.74
N LEU A 205 -2.18 -10.62 11.64
CA LEU A 205 -0.84 -11.26 11.56
C LEU A 205 0.16 -10.30 10.91
N ASP A 206 1.43 -10.60 11.09
CA ASP A 206 2.60 -9.82 10.59
C ASP A 206 3.46 -10.78 9.77
N VAL A 207 4.03 -10.30 8.67
CA VAL A 207 4.88 -11.17 7.81
C VAL A 207 6.30 -11.27 8.33
N SER A 208 6.68 -10.45 9.33
N SER A 208 6.67 -10.45 9.32
CA SER A 208 7.97 -10.49 10.07
CA SER A 208 7.96 -10.48 10.06
C SER A 208 7.75 -11.08 11.48
C SER A 208 7.74 -11.12 11.45
N ASP A 209 8.82 -11.63 12.06
CA ASP A 209 8.81 -12.01 13.48
C ASP A 209 8.77 -10.73 14.33
N ALA A 210 8.36 -10.83 15.59
CA ALA A 210 8.43 -9.69 16.52
C ALA A 210 8.73 -10.12 17.94
N VAL A 211 9.39 -9.25 18.71
CA VAL A 211 9.51 -9.36 20.20
C VAL A 211 8.81 -8.16 20.83
N ASN A 212 7.90 -8.39 21.75
CA ASN A 212 7.04 -7.36 22.37
C ASN A 212 7.37 -7.35 23.87
N VAL A 213 7.90 -6.22 24.39
CA VAL A 213 8.34 -6.13 25.83
C VAL A 213 7.35 -5.26 26.63
N MET A 214 6.86 -5.76 27.76
CA MET A 214 6.02 -4.98 28.72
C MET A 214 6.96 -4.19 29.63
N VAL A 215 7.06 -2.86 29.42
CA VAL A 215 8.04 -2.01 30.14
C VAL A 215 7.37 -1.29 31.32
N TYR A 216 6.05 -1.21 31.36
CA TYR A 216 5.35 -0.52 32.49
C TYR A 216 3.91 -1.04 32.57
N VAL A 217 3.41 -1.30 33.78
CA VAL A 217 1.97 -1.62 34.04
C VAL A 217 1.45 -0.63 35.11
N GLY A 218 0.38 0.07 34.78
CA GLY A 218 -0.28 1.05 35.66
C GLY A 218 -1.56 0.50 36.21
N ILE A 219 -1.60 0.27 37.51
CA ILE A 219 -2.82 -0.23 38.21
C ILE A 219 -3.47 0.94 38.91
N PRO A 220 -4.64 1.44 38.47
CA PRO A 220 -5.16 2.69 39.01
C PRO A 220 -5.69 2.75 40.44
N ILE A 221 -6.10 4.00 40.71
CA ILE A 221 -6.86 4.63 41.84
C ILE A 221 -8.00 5.50 41.23
N GLY A 222 -9.20 5.35 41.83
CA GLY A 222 -10.43 6.11 41.51
C GLY A 222 -11.64 5.21 41.58
N GLU A 223 -11.88 4.46 40.49
CA GLU A 223 -12.47 3.10 40.51
C GLU A 223 -11.29 2.12 40.70
N GLY A 224 -10.76 2.06 41.94
CA GLY A 224 -9.61 1.24 42.34
C GLY A 224 -9.96 0.30 43.49
N ALA A 225 -9.80 -1.01 43.25
CA ALA A 225 -10.40 -2.18 43.96
C ALA A 225 -11.15 -3.05 42.93
N HIS A 226 -10.63 -3.09 41.70
CA HIS A 226 -11.28 -3.59 40.45
C HIS A 226 -10.71 -4.98 40.12
N ASP A 227 -10.29 -5.72 41.16
CA ASP A 227 -9.41 -6.92 41.07
C ASP A 227 -10.20 -8.10 40.49
N GLU A 228 -11.49 -8.24 40.85
CA GLU A 228 -12.26 -9.50 40.62
C GLU A 228 -12.54 -9.71 39.14
N GLU A 229 -12.89 -8.64 38.39
CA GLU A 229 -13.17 -8.72 36.93
C GLU A 229 -11.87 -9.14 36.18
N VAL A 230 -10.69 -8.69 36.61
CA VAL A 230 -9.37 -9.15 36.06
C VAL A 230 -9.22 -10.67 36.24
N LEU A 231 -9.61 -11.26 37.38
CA LEU A 231 -9.45 -12.72 37.60
C LEU A 231 -10.39 -13.54 36.71
N LYS A 232 -11.65 -13.10 36.59
N LYS A 232 -11.65 -13.10 36.61
CA LYS A 232 -12.66 -13.75 35.70
CA LYS A 232 -12.67 -13.71 35.71
C LYS A 232 -12.19 -13.66 34.24
C LYS A 232 -12.17 -13.67 34.26
N THR A 233 -11.52 -12.57 33.86
CA THR A 233 -11.06 -12.39 32.45
C THR A 233 -9.95 -13.42 32.13
N ILE A 234 -8.99 -13.58 33.04
CA ILE A 234 -7.88 -14.57 32.92
C ILE A 234 -8.44 -15.99 32.90
N ASP A 235 -9.39 -16.33 33.79
CA ASP A 235 -9.94 -17.71 33.87
C ASP A 235 -10.72 -18.07 32.58
N GLU A 236 -11.68 -17.22 32.20
CA GLU A 236 -12.54 -17.36 30.99
C GLU A 236 -11.67 -17.30 29.72
N GLY A 237 -10.54 -16.58 29.80
CA GLY A 237 -9.50 -16.47 28.76
C GLY A 237 -8.78 -17.78 28.48
N ASP A 238 -8.91 -18.78 29.37
CA ASP A 238 -8.34 -20.17 29.27
C ASP A 238 -6.86 -20.19 29.69
N ALA A 239 -6.43 -19.29 30.56
CA ALA A 239 -5.07 -19.33 31.14
C ALA A 239 -4.84 -20.71 31.79
N ASP A 240 -3.59 -21.18 31.80
CA ASP A 240 -3.24 -22.48 32.46
C ASP A 240 -3.07 -22.27 33.97
N GLU A 241 -2.99 -23.36 34.74
CA GLU A 241 -3.01 -23.29 36.22
C GLU A 241 -1.70 -22.71 36.73
N VAL A 242 -0.58 -22.95 36.04
CA VAL A 242 0.73 -22.37 36.44
C VAL A 242 0.69 -20.82 36.30
N THR A 243 0.17 -20.28 35.20
CA THR A 243 -0.06 -18.82 35.04
C THR A 243 -0.97 -18.34 36.17
N LYS A 244 -2.02 -19.09 36.50
CA LYS A 244 -2.98 -18.66 37.57
C LYS A 244 -2.26 -18.68 38.94
N GLU A 245 -1.13 -19.38 39.11
CA GLU A 245 -0.27 -19.27 40.34
C GLU A 245 0.56 -17.97 40.36
N ARG A 246 1.13 -17.45 39.24
CA ARG A 246 1.93 -16.18 39.24
C ARG A 246 1.08 -15.01 39.77
N ILE A 247 -0.22 -15.00 39.46
CA ILE A 247 -1.22 -14.01 39.99
C ILE A 247 -1.20 -14.08 41.53
N HIS A 248 -1.57 -15.24 42.10
CA HIS A 248 -1.85 -15.42 43.55
C HIS A 248 -0.57 -15.58 44.38
N ASP A 249 0.49 -16.22 43.86
CA ASP A 249 1.69 -16.63 44.64
C ASP A 249 2.68 -15.46 44.74
N HIS A 250 3.21 -14.94 43.61
CA HIS A 250 4.42 -14.05 43.56
C HIS A 250 4.05 -12.54 43.57
N LYS A 251 2.76 -12.20 43.39
CA LYS A 251 2.20 -10.83 43.33
C LYS A 251 2.94 -9.96 42.28
N GLU A 252 3.32 -10.55 41.14
CA GLU A 252 3.73 -9.81 39.90
C GLU A 252 2.53 -9.02 39.31
N LYS A 253 2.79 -7.90 38.60
CA LYS A 253 1.73 -7.07 37.96
C LYS A 253 1.38 -7.64 36.57
N PRO A 254 0.15 -8.17 36.33
CA PRO A 254 -0.29 -8.67 35.02
C PRO A 254 -0.72 -7.49 34.14
N GLY A 255 -0.21 -7.43 32.93
CA GLY A 255 -0.49 -6.34 31.99
C GLY A 255 -1.58 -6.68 30.99
N ALA A 256 -1.37 -7.75 30.21
CA ALA A 256 -2.27 -8.04 29.06
C ALA A 256 -2.42 -9.56 28.82
N LEU A 257 -3.62 -9.91 28.36
CA LEU A 257 -3.98 -11.29 27.93
C LEU A 257 -3.88 -11.38 26.41
N TRP A 258 -3.03 -12.29 25.91
CA TRP A 258 -2.82 -12.57 24.46
C TRP A 258 -3.51 -13.89 24.09
N HIS A 259 -4.02 -14.01 22.86
CA HIS A 259 -4.25 -15.34 22.23
C HIS A 259 -3.40 -15.33 20.97
N ILE A 260 -2.63 -16.40 20.78
CA ILE A 260 -1.75 -16.60 19.60
C ILE A 260 -2.09 -17.96 18.98
N TYR A 261 -2.18 -17.99 17.65
CA TYR A 261 -2.48 -19.23 16.86
C TYR A 261 -1.30 -19.51 15.91
N ALA A 262 -1.01 -20.82 15.64
CA ALA A 262 0.06 -21.20 14.71
C ALA A 262 -0.25 -20.67 13.32
N ALA A 263 0.79 -20.28 12.59
CA ALA A 263 0.68 -19.77 11.22
C ALA A 263 -0.09 -20.81 10.37
N LYS A 264 0.14 -22.11 10.60
CA LYS A 264 -0.54 -23.19 9.81
C LYS A 264 -2.05 -23.18 9.97
N ASP A 265 -2.62 -22.52 10.99
CA ASP A 265 -4.08 -22.53 11.27
C ASP A 265 -4.76 -21.23 10.79
N ALA A 266 -4.02 -20.33 10.14
CA ALA A 266 -4.60 -19.02 9.70
C ALA A 266 -5.79 -19.22 8.74
N GLU A 267 -5.74 -20.12 7.76
CA GLU A 267 -6.89 -20.26 6.80
C GLU A 267 -8.14 -20.80 7.51
N LYS A 268 -8.01 -21.76 8.45
CA LYS A 268 -9.16 -22.31 9.22
C LYS A 268 -9.81 -21.14 10.00
N ILE A 269 -8.99 -20.22 10.55
CA ILE A 269 -9.56 -19.06 11.27
C ILE A 269 -10.31 -18.17 10.27
N ARG A 270 -9.75 -17.92 9.07
CA ARG A 270 -10.47 -17.14 8.02
C ARG A 270 -11.83 -17.81 7.70
N GLU A 271 -11.89 -19.14 7.60
CA GLU A 271 -13.14 -19.87 7.28
C GLU A 271 -14.17 -19.63 8.39
N LEU A 272 -13.79 -19.72 9.67
CA LEU A 272 -14.71 -19.41 10.81
C LEU A 272 -15.24 -17.98 10.69
N LEU A 273 -14.36 -17.00 10.50
CA LEU A 273 -14.78 -15.58 10.53
C LEU A 273 -15.62 -15.22 9.29
N ARG A 274 -15.42 -15.86 8.13
CA ARG A 274 -16.36 -15.68 6.96
C ARG A 274 -17.73 -16.24 7.30
N LYS A 275 -17.81 -17.38 7.96
CA LYS A 275 -19.09 -18.01 8.41
C LYS A 275 -19.80 -17.11 9.43
N VAL A 276 -19.08 -16.61 10.42
CA VAL A 276 -19.71 -15.73 11.45
C VAL A 276 -20.12 -14.40 10.82
N GLY A 277 -19.31 -13.79 9.96
CA GLY A 277 -19.65 -12.55 9.24
C GLY A 277 -20.97 -12.70 8.48
N GLU A 278 -21.18 -13.88 7.87
CA GLU A 278 -22.40 -14.21 7.08
C GLU A 278 -23.57 -14.36 8.05
N GLU A 279 -23.42 -15.10 9.14
CA GLU A 279 -24.47 -15.24 10.18
C GLU A 279 -24.92 -13.85 10.66
N GLN A 280 -24.01 -12.89 10.83
CA GLN A 280 -24.30 -11.51 11.34
C GLN A 280 -24.70 -10.57 10.19
N GLY A 281 -25.05 -11.09 9.02
CA GLY A 281 -25.59 -10.30 7.91
C GLY A 281 -24.56 -9.37 7.29
N GLN A 282 -23.25 -9.55 7.54
CA GLN A 282 -22.20 -8.86 6.73
C GLN A 282 -22.36 -9.38 5.29
N GLU A 283 -22.06 -8.57 4.28
CA GLU A 283 -22.15 -9.05 2.87
C GLU A 283 -20.75 -8.96 2.28
N ASN A 284 -19.94 -10.00 2.50
CA ASN A 284 -18.54 -10.06 2.05
C ASN A 284 -18.42 -11.08 0.92
N PRO A 285 -17.53 -10.86 -0.07
CA PRO A 285 -17.20 -11.88 -1.07
C PRO A 285 -16.55 -13.11 -0.45
N PRO A 286 -16.62 -14.29 -1.12
CA PRO A 286 -16.22 -15.57 -0.50
C PRO A 286 -14.71 -15.74 -0.21
N ASP A 287 -13.86 -14.83 -0.75
CA ASP A 287 -12.38 -14.85 -0.66
C ASP A 287 -11.86 -13.70 0.21
N HIS A 288 -12.72 -12.84 0.78
CA HIS A 288 -12.26 -11.64 1.54
C HIS A 288 -11.50 -12.14 2.78
N ASP A 289 -10.59 -11.30 3.30
CA ASP A 289 -9.61 -11.72 4.35
C ASP A 289 -9.95 -11.04 5.67
N PRO A 290 -10.70 -11.73 6.56
CA PRO A 290 -11.09 -11.16 7.85
C PRO A 290 -9.92 -10.97 8.83
N ILE A 291 -8.81 -11.70 8.67
CA ILE A 291 -7.59 -11.45 9.50
C ILE A 291 -6.93 -10.12 9.04
N HIS A 292 -6.72 -9.92 7.73
CA HIS A 292 -6.07 -8.68 7.22
C HIS A 292 -6.90 -7.44 7.60
N ASP A 293 -8.21 -7.58 7.64
CA ASP A 293 -9.17 -6.49 8.00
C ASP A 293 -8.98 -5.99 9.44
N GLN A 294 -8.44 -6.82 10.35
CA GLN A 294 -8.17 -6.40 11.76
C GLN A 294 -9.46 -5.89 12.42
N SER A 295 -10.59 -6.52 12.15
CA SER A 295 -11.91 -6.10 12.64
C SER A 295 -12.49 -7.07 13.69
N TRP A 296 -11.89 -8.24 13.92
CA TRP A 296 -12.45 -9.24 14.85
C TRP A 296 -11.63 -9.35 16.15
N TYR A 297 -12.33 -9.57 17.28
CA TYR A 297 -11.71 -10.05 18.53
C TYR A 297 -12.39 -11.39 18.86
N LEU A 298 -11.62 -12.47 19.03
CA LEU A 298 -12.18 -13.80 19.37
C LEU A 298 -12.50 -13.79 20.87
N ASP A 299 -13.78 -13.66 21.22
CA ASP A 299 -14.25 -13.74 22.62
C ASP A 299 -14.40 -15.22 23.05
N GLN A 300 -14.83 -15.52 24.26
CA GLN A 300 -14.92 -16.91 24.73
C GLN A 300 -15.78 -17.74 23.76
N THR A 301 -16.91 -17.21 23.31
CA THR A 301 -17.87 -17.90 22.40
C THR A 301 -17.10 -18.29 21.11
N LEU A 302 -16.36 -17.33 20.52
CA LEU A 302 -15.71 -17.60 19.20
C LEU A 302 -14.50 -18.53 19.40
N ARG A 303 -13.76 -18.42 20.50
CA ARG A 303 -12.60 -19.32 20.75
C ARG A 303 -13.13 -20.75 20.87
N LYS A 304 -14.26 -20.95 21.54
CA LYS A 304 -14.80 -22.33 21.72
C LYS A 304 -15.28 -22.86 20.34
N ARG A 305 -15.89 -22.03 19.52
CA ARG A 305 -16.36 -22.45 18.18
C ARG A 305 -15.16 -22.84 17.30
N LEU A 306 -14.06 -22.10 17.43
CA LEU A 306 -12.82 -22.40 16.65
C LEU A 306 -12.32 -23.78 17.02
N TYR A 307 -12.28 -24.09 18.31
CA TYR A 307 -11.83 -25.40 18.81
C TYR A 307 -12.81 -26.51 18.35
N GLU A 308 -14.10 -26.33 18.58
CA GLU A 308 -15.11 -27.42 18.44
C GLU A 308 -15.37 -27.67 16.94
N GLU A 309 -15.49 -26.64 16.10
CA GLU A 309 -16.02 -26.72 14.71
C GLU A 309 -14.87 -26.87 13.70
N TYR A 310 -13.65 -26.40 14.02
CA TYR A 310 -12.48 -26.39 13.10
C TYR A 310 -11.30 -27.16 13.68
N GLY A 311 -11.34 -27.59 14.93
CA GLY A 311 -10.24 -28.36 15.53
C GLY A 311 -8.95 -27.57 15.84
N VAL A 312 -9.08 -26.24 15.97
CA VAL A 312 -7.94 -25.29 16.13
C VAL A 312 -7.89 -24.80 17.58
N GLN A 313 -6.77 -25.08 18.25
CA GLN A 313 -6.43 -24.56 19.60
C GLN A 313 -5.38 -23.46 19.43
N GLY A 314 -5.22 -22.64 20.46
CA GLY A 314 -4.21 -21.56 20.50
C GLY A 314 -3.58 -21.49 21.87
N TRP A 315 -2.59 -20.62 21.97
CA TRP A 315 -1.90 -20.30 23.25
C TRP A 315 -2.59 -19.08 23.90
N ALA A 316 -3.03 -19.22 25.14
CA ALA A 316 -3.52 -18.13 26.02
C ALA A 316 -2.32 -17.70 26.88
N ILE A 317 -1.84 -16.44 26.77
CA ILE A 317 -0.60 -15.98 27.44
C ILE A 317 -0.92 -14.72 28.26
N VAL A 318 -0.57 -14.71 29.53
CA VAL A 318 -0.63 -13.47 30.34
C VAL A 318 0.78 -12.86 30.38
N GLN A 319 0.91 -11.64 29.83
CA GLN A 319 2.17 -10.88 29.77
C GLN A 319 2.26 -9.98 31.02
N PHE A 320 3.14 -10.30 31.95
CA PHE A 320 3.37 -9.50 33.19
C PHE A 320 4.39 -8.41 32.90
N LEU A 321 4.56 -7.46 33.85
CA LEU A 321 5.67 -6.47 33.77
C LEU A 321 7.00 -7.21 33.52
N GLY A 322 7.74 -6.74 32.52
CA GLY A 322 9.06 -7.24 32.15
C GLY A 322 9.02 -8.52 31.29
N ASP A 323 7.86 -9.03 30.95
CA ASP A 323 7.80 -10.20 30.01
C ASP A 323 8.02 -9.74 28.58
N ALA A 324 8.84 -10.48 27.81
CA ALA A 324 8.98 -10.33 26.34
C ALA A 324 8.25 -11.48 25.64
N VAL A 325 7.26 -11.18 24.83
CA VAL A 325 6.54 -12.21 24.00
C VAL A 325 7.16 -12.22 22.61
N PHE A 326 7.61 -13.39 22.16
CA PHE A 326 8.13 -13.65 20.80
C PHE A 326 6.97 -14.21 19.97
N ILE A 327 6.62 -13.49 18.87
CA ILE A 327 5.45 -13.81 18.01
C ILE A 327 6.01 -14.27 16.64
N PRO A 328 5.82 -15.54 16.24
CA PRO A 328 6.37 -16.02 14.96
C PRO A 328 5.65 -15.37 13.78
N ALA A 329 6.42 -15.06 12.72
CA ALA A 329 5.85 -14.57 11.45
C ALA A 329 4.71 -15.46 10.95
N GLY A 330 3.62 -14.78 10.53
CA GLY A 330 2.42 -15.46 10.02
C GLY A 330 1.44 -15.96 11.07
N ALA A 331 1.76 -15.88 12.37
CA ALA A 331 0.90 -16.37 13.47
C ALA A 331 -0.20 -15.36 13.79
N PRO A 332 -1.50 -15.68 13.59
CA PRO A 332 -2.59 -14.76 13.99
C PRO A 332 -2.55 -14.51 15.50
N HIS A 333 -2.72 -13.26 15.95
CA HIS A 333 -2.69 -12.91 17.41
C HIS A 333 -3.57 -11.68 17.70
N GLN A 334 -4.04 -11.65 18.96
CA GLN A 334 -4.88 -10.55 19.51
C GLN A 334 -4.40 -10.26 20.94
N VAL A 335 -4.70 -9.03 21.42
CA VAL A 335 -4.22 -8.50 22.72
C VAL A 335 -5.40 -7.81 23.44
N HIS A 336 -5.55 -8.08 24.72
CA HIS A 336 -6.59 -7.51 25.61
C HIS A 336 -5.89 -6.99 26.88
N ASN A 337 -5.76 -5.67 27.06
CA ASN A 337 -5.13 -5.11 28.27
C ASN A 337 -6.00 -5.31 29.53
N LEU A 338 -5.38 -5.86 30.56
CA LEU A 338 -6.01 -6.10 31.89
C LEU A 338 -5.88 -4.79 32.70
N TYR A 339 -4.72 -4.16 32.64
CA TYR A 339 -4.43 -2.84 33.29
C TYR A 339 -3.83 -1.94 32.21
N SER A 340 -3.53 -0.67 32.56
CA SER A 340 -2.89 0.26 31.61
C SER A 340 -1.47 -0.23 31.29
N CYS A 341 -1.13 -0.28 30.00
CA CYS A 341 0.15 -0.90 29.54
C CYS A 341 0.96 0.03 28.68
N ILE A 342 2.27 0.01 28.87
CA ILE A 342 3.26 0.51 27.90
C ILE A 342 4.02 -0.72 27.37
N LYS A 343 3.90 -1.01 26.09
CA LYS A 343 4.68 -2.07 25.42
C LYS A 343 5.59 -1.47 24.36
N VAL A 344 6.75 -2.09 24.15
CA VAL A 344 7.66 -1.67 23.06
C VAL A 344 8.03 -2.92 22.26
N ALA A 345 7.89 -2.85 20.93
CA ALA A 345 8.09 -4.07 20.08
C ALA A 345 9.15 -3.77 19.01
N GLU A 346 9.95 -4.78 18.68
CA GLU A 346 10.95 -4.74 17.55
C GLU A 346 10.61 -5.87 16.57
N ASP A 347 10.53 -5.58 15.28
CA ASP A 347 10.37 -6.63 14.25
C ASP A 347 11.76 -7.15 13.81
N PHE A 348 11.83 -8.39 13.32
CA PHE A 348 13.11 -9.03 12.88
C PHE A 348 12.72 -10.12 11.89
N VAL A 349 13.69 -10.64 11.14
CA VAL A 349 13.47 -11.70 10.15
C VAL A 349 14.39 -12.87 10.44
N SER A 350 13.93 -13.86 11.19
CA SER A 350 14.72 -15.06 11.46
C SER A 350 14.79 -15.95 10.22
N PRO A 351 15.89 -16.74 10.07
CA PRO A 351 15.92 -17.68 8.96
C PRO A 351 14.85 -18.75 9.06
N GLU A 352 14.46 -19.14 10.30
CA GLU A 352 13.43 -20.16 10.55
C GLU A 352 12.10 -19.80 9.85
N HIS A 353 11.78 -18.51 9.70
CA HIS A 353 10.42 -18.11 9.25
C HIS A 353 10.44 -17.18 8.03
N VAL A 354 11.57 -17.09 7.34
CA VAL A 354 11.74 -16.14 6.19
C VAL A 354 10.72 -16.49 5.10
N LYS A 355 10.26 -17.74 4.89
CA LYS A 355 9.22 -18.05 3.87
C LYS A 355 8.01 -17.11 3.94
N HIS A 356 7.60 -16.64 5.14
CA HIS A 356 6.34 -15.88 5.33
C HIS A 356 6.42 -14.50 4.69
N CYS A 357 7.61 -13.95 4.36
CA CYS A 357 7.72 -12.59 3.74
C CYS A 357 8.14 -12.69 2.25
N PHE A 358 8.28 -13.89 1.67
CA PHE A 358 8.67 -14.05 0.23
C PHE A 358 7.47 -13.61 -0.64
N ARG A 359 7.74 -12.85 -1.71
CA ARG A 359 6.68 -12.29 -2.60
C ARG A 359 6.28 -13.24 -3.73
N LEU A 360 6.89 -14.41 -3.91
CA LEU A 360 6.39 -15.37 -4.93
C LEU A 360 5.84 -16.67 -4.33
N THR A 361 5.14 -17.45 -5.18
CA THR A 361 4.53 -18.80 -4.97
C THR A 361 3.56 -18.75 -3.78
N MET B 23 -12.63 12.47 -49.09
CA MET B 23 -13.03 11.05 -49.09
C MET B 23 -12.12 10.27 -48.12
N THR B 24 -11.31 10.96 -47.35
CA THR B 24 -10.46 10.29 -46.31
C THR B 24 -11.38 9.52 -45.34
N SER B 25 -11.10 8.25 -45.05
CA SER B 25 -11.89 7.42 -44.08
C SER B 25 -11.76 8.00 -42.67
N HIS B 26 -12.87 8.36 -42.06
CA HIS B 26 -12.95 8.95 -40.71
C HIS B 26 -14.33 8.77 -40.11
N SER B 27 -14.41 8.93 -38.79
CA SER B 27 -15.66 9.03 -38.01
C SER B 27 -15.42 9.96 -36.83
N TRP B 28 -16.47 10.30 -36.09
CA TRP B 28 -16.42 11.24 -34.95
C TRP B 28 -16.95 10.50 -33.72
N LEU B 29 -16.20 10.48 -32.63
CA LEU B 29 -16.63 9.89 -31.33
C LEU B 29 -16.72 11.04 -30.30
N CYS B 30 -16.95 10.71 -29.01
CA CYS B 30 -16.93 11.71 -27.91
C CYS B 30 -17.83 12.91 -28.27
N ASP B 31 -19.11 12.65 -28.56
CA ASP B 31 -20.17 13.68 -28.78
C ASP B 31 -19.76 14.61 -29.94
N GLY B 32 -19.20 14.04 -31.01
CA GLY B 32 -18.76 14.74 -32.23
C GLY B 32 -17.35 15.35 -32.14
N ARG B 33 -16.73 15.34 -30.95
CA ARG B 33 -15.55 16.21 -30.64
C ARG B 33 -14.23 15.43 -30.73
N LEU B 34 -14.26 14.13 -31.08
CA LEU B 34 -12.99 13.38 -31.33
C LEU B 34 -12.96 12.88 -32.77
N LEU B 35 -12.03 13.42 -33.61
CA LEU B 35 -11.73 12.85 -34.92
C LEU B 35 -11.06 11.50 -34.76
N CYS B 36 -11.54 10.50 -35.49
CA CYS B 36 -10.96 9.16 -35.60
C CYS B 36 -10.64 8.89 -37.07
N LEU B 37 -9.38 8.91 -37.48
CA LEU B 37 -8.91 8.57 -38.85
C LEU B 37 -8.64 7.08 -38.93
N HIS B 38 -9.09 6.37 -39.96
CA HIS B 38 -9.09 4.87 -39.98
C HIS B 38 -8.07 4.28 -40.94
N ASP B 39 -7.43 5.06 -41.82
CA ASP B 39 -6.34 4.53 -42.66
C ASP B 39 -5.04 5.20 -42.25
N PRO B 40 -4.18 4.52 -41.46
CA PRO B 40 -2.97 5.18 -40.95
C PRO B 40 -1.97 5.69 -42.01
N SER B 41 -1.96 5.12 -43.22
CA SER B 41 -1.01 5.53 -44.29
C SER B 41 -1.67 6.45 -45.35
N ASN B 42 -2.89 6.95 -45.16
CA ASN B 42 -3.49 7.88 -46.17
C ASN B 42 -2.75 9.23 -46.16
N LYS B 43 -2.12 9.64 -47.27
CA LYS B 43 -1.33 10.90 -47.35
C LYS B 43 -2.21 12.14 -47.18
N ASN B 44 -3.54 12.00 -47.25
CA ASN B 44 -4.50 13.12 -47.06
C ASN B 44 -4.98 13.26 -45.59
N ASN B 45 -4.46 12.46 -44.66
CA ASN B 45 -4.93 12.51 -43.24
C ASN B 45 -4.79 13.91 -42.67
N TRP B 46 -3.79 14.70 -43.06
CA TRP B 46 -3.52 16.05 -42.50
C TRP B 46 -4.74 17.00 -42.71
N LYS B 47 -5.53 16.75 -43.75
CA LYS B 47 -6.57 17.74 -44.16
C LYS B 47 -7.60 18.02 -43.07
N ILE B 48 -8.25 16.99 -42.50
CA ILE B 48 -9.29 17.14 -41.43
C ILE B 48 -8.62 17.29 -40.03
N PHE B 49 -7.43 16.67 -39.89
CA PHE B 49 -6.61 16.79 -38.65
C PHE B 49 -6.29 18.25 -38.30
N ARG B 50 -5.97 19.08 -39.31
CA ARG B 50 -5.44 20.46 -39.08
C ARG B 50 -6.35 21.28 -38.16
N GLU B 51 -7.64 21.40 -38.47
CA GLU B 51 -8.54 22.27 -37.66
C GLU B 51 -8.73 21.71 -36.23
N CYS B 52 -8.86 20.37 -36.10
CA CYS B 52 -9.02 19.76 -34.75
C CYS B 52 -7.80 20.11 -33.88
N TRP B 53 -6.62 19.99 -34.47
CA TRP B 53 -5.31 20.27 -33.80
C TRP B 53 -5.16 21.76 -33.50
N LYS B 54 -5.58 22.64 -34.43
CA LYS B 54 -5.62 24.11 -34.14
C LYS B 54 -6.52 24.41 -32.93
N GLN B 55 -7.67 23.75 -32.80
CA GLN B 55 -8.65 24.00 -31.72
C GLN B 55 -8.18 23.34 -30.42
N GLY B 56 -7.03 22.68 -30.41
CA GLY B 56 -6.42 22.10 -29.20
C GLY B 56 -7.06 20.78 -28.79
N GLN B 57 -7.60 20.05 -29.74
CA GLN B 57 -8.29 18.75 -29.50
C GLN B 57 -7.28 17.62 -29.68
N PRO B 58 -7.39 16.52 -28.88
CA PRO B 58 -6.74 15.27 -29.23
C PRO B 58 -7.38 14.68 -30.50
N VAL B 59 -6.66 13.82 -31.19
CA VAL B 59 -7.10 13.07 -32.39
C VAL B 59 -6.69 11.60 -32.22
N LEU B 60 -7.44 10.66 -32.79
CA LEU B 60 -7.12 9.22 -32.78
C LEU B 60 -6.93 8.70 -34.21
N VAL B 61 -5.94 7.87 -34.44
CA VAL B 61 -5.71 7.17 -35.71
C VAL B 61 -5.68 5.67 -35.41
N SER B 62 -6.56 4.89 -36.04
CA SER B 62 -6.69 3.46 -35.77
C SER B 62 -5.90 2.67 -36.80
N GLY B 63 -5.62 1.39 -36.50
CA GLY B 63 -5.08 0.43 -37.49
C GLY B 63 -3.57 0.35 -37.57
N VAL B 64 -2.81 0.99 -36.65
CA VAL B 64 -1.32 1.03 -36.72
C VAL B 64 -0.75 -0.40 -36.49
N HIS B 65 -1.42 -1.25 -35.70
CA HIS B 65 -0.98 -2.65 -35.42
C HIS B 65 -0.88 -3.48 -36.71
N LYS B 66 -1.74 -3.18 -37.68
CA LYS B 66 -1.76 -3.89 -38.98
C LYS B 66 -0.52 -3.55 -39.78
N LYS B 67 0.15 -2.42 -39.50
CA LYS B 67 1.38 -1.99 -40.20
C LYS B 67 2.65 -2.57 -39.56
N LEU B 68 2.60 -3.01 -38.31
CA LEU B 68 3.79 -3.45 -37.53
C LEU B 68 4.04 -4.96 -37.75
N LYS B 69 5.21 -5.43 -37.35
CA LYS B 69 5.60 -6.86 -37.22
C LYS B 69 5.16 -7.39 -35.86
N SER B 70 3.99 -8.03 -35.78
CA SER B 70 3.36 -8.43 -34.49
C SER B 70 4.34 -9.23 -33.62
N GLU B 71 5.20 -10.08 -34.19
CA GLU B 71 6.16 -10.93 -33.42
C GLU B 71 7.17 -10.10 -32.61
N LEU B 72 7.45 -8.84 -32.98
CA LEU B 72 8.41 -7.95 -32.27
C LEU B 72 7.75 -7.36 -31.00
N TRP B 73 6.43 -7.38 -30.84
CA TRP B 73 5.73 -6.61 -29.78
C TRP B 73 5.04 -7.54 -28.79
N LYS B 74 5.56 -8.75 -28.59
CA LYS B 74 4.95 -9.76 -27.67
C LYS B 74 5.70 -9.81 -26.33
N PRO B 75 4.96 -9.93 -25.19
CA PRO B 75 5.59 -10.03 -23.87
C PRO B 75 6.63 -11.16 -23.77
N GLU B 76 6.37 -12.31 -24.40
CA GLU B 76 7.27 -13.49 -24.39
C GLU B 76 8.62 -13.16 -25.04
N ALA B 77 8.64 -12.37 -26.13
CA ALA B 77 9.88 -11.98 -26.85
C ALA B 77 10.72 -11.00 -26.00
N PHE B 78 10.11 -10.03 -25.31
CA PHE B 78 10.82 -9.09 -24.40
C PHE B 78 11.48 -9.92 -23.28
N SER B 79 10.77 -10.90 -22.73
CA SER B 79 11.26 -11.76 -21.63
C SER B 79 12.45 -12.61 -22.09
N GLN B 80 12.33 -13.32 -23.22
CA GLN B 80 13.43 -14.16 -23.76
C GLN B 80 14.66 -13.31 -24.12
N GLU B 81 14.48 -12.15 -24.76
CA GLU B 81 15.60 -11.34 -25.27
C GLU B 81 16.28 -10.55 -24.14
N PHE B 82 15.56 -10.07 -23.12
CA PHE B 82 16.06 -9.01 -22.21
C PHE B 82 15.82 -9.38 -20.72
N GLY B 83 15.38 -10.59 -20.43
CA GLY B 83 14.80 -10.95 -19.11
C GLY B 83 15.80 -11.01 -17.96
N ASP B 84 17.12 -11.12 -18.23
CA ASP B 84 18.13 -11.18 -17.13
C ASP B 84 18.63 -9.77 -16.77
N GLN B 85 18.09 -8.69 -17.34
CA GLN B 85 18.44 -7.31 -16.91
C GLN B 85 17.79 -6.99 -15.54
N ASP B 86 18.43 -6.10 -14.78
CA ASP B 86 17.93 -5.67 -13.46
C ASP B 86 17.12 -4.40 -13.67
N VAL B 87 16.03 -4.22 -12.94
CA VAL B 87 15.10 -3.08 -13.17
C VAL B 87 14.36 -2.74 -11.87
N ASP B 88 13.75 -1.58 -11.82
CA ASP B 88 12.79 -1.21 -10.76
C ASP B 88 11.35 -1.31 -11.30
N LEU B 89 10.41 -1.75 -10.44
CA LEU B 89 8.96 -1.72 -10.69
C LEU B 89 8.29 -0.75 -9.72
N VAL B 90 7.10 -0.24 -10.09
CA VAL B 90 6.20 0.57 -9.23
C VAL B 90 4.88 -0.19 -9.02
N ASN B 91 4.50 -0.34 -7.74
CA ASN B 91 3.17 -0.81 -7.29
C ASN B 91 2.17 0.33 -7.55
N CYS B 92 1.30 0.16 -8.54
CA CYS B 92 0.33 1.22 -8.93
C CYS B 92 -0.63 1.57 -7.78
N ARG B 93 -0.94 0.64 -6.87
CA ARG B 93 -1.94 0.90 -5.77
C ARG B 93 -1.39 1.86 -4.69
N ASN B 94 -0.08 1.84 -4.40
CA ASN B 94 0.49 2.59 -3.24
C ASN B 94 1.73 3.39 -3.65
N CYS B 95 2.11 3.41 -4.94
CA CYS B 95 3.27 4.15 -5.52
C CYS B 95 4.62 3.65 -4.97
N ALA B 96 4.66 2.53 -4.26
CA ALA B 96 5.91 1.97 -3.71
C ALA B 96 6.83 1.48 -4.85
N ILE B 97 8.14 1.65 -4.70
CA ILE B 97 9.18 1.14 -5.65
C ILE B 97 9.64 -0.23 -5.18
N ILE B 98 9.60 -1.21 -6.06
CA ILE B 98 10.20 -2.55 -5.86
C ILE B 98 11.53 -2.56 -6.61
N SER B 99 12.66 -2.41 -5.90
CA SER B 99 13.97 -2.09 -6.50
C SER B 99 14.76 -3.37 -6.86
N ASP B 100 15.42 -3.34 -8.01
CA ASP B 100 16.46 -4.30 -8.39
C ASP B 100 15.90 -5.73 -8.46
N VAL B 101 14.89 -5.97 -9.27
CA VAL B 101 14.39 -7.32 -9.64
C VAL B 101 14.70 -7.57 -11.12
N LYS B 102 14.37 -8.74 -11.63
CA LYS B 102 14.67 -9.13 -13.03
C LYS B 102 13.51 -8.71 -13.95
N VAL B 103 13.84 -8.24 -15.15
CA VAL B 103 12.87 -7.87 -16.24
C VAL B 103 11.94 -9.09 -16.42
N ARG B 104 12.43 -10.35 -16.39
CA ARG B 104 11.56 -11.52 -16.60
C ARG B 104 10.50 -11.65 -15.49
N ASP B 105 10.74 -11.15 -14.27
CA ASP B 105 9.72 -11.30 -13.20
C ASP B 105 8.55 -10.34 -13.47
N PHE B 106 8.73 -9.26 -14.23
CA PHE B 106 7.61 -8.40 -14.70
C PHE B 106 6.88 -9.12 -15.84
N TRP B 107 7.60 -9.54 -16.88
CA TRP B 107 6.96 -10.02 -18.15
C TRP B 107 6.28 -11.37 -17.88
N ASP B 108 6.83 -12.21 -17.03
CA ASP B 108 6.24 -13.55 -16.86
C ASP B 108 4.89 -13.53 -16.11
N GLY B 109 4.50 -12.45 -15.40
CA GLY B 109 3.17 -12.22 -14.82
C GLY B 109 2.29 -11.27 -15.63
N PHE B 110 2.73 -10.91 -16.84
CA PHE B 110 1.97 -9.91 -17.67
C PHE B 110 0.52 -10.38 -17.88
N GLU B 111 0.33 -11.66 -18.18
CA GLU B 111 -1.02 -12.21 -18.43
C GLU B 111 -1.40 -13.35 -17.48
N ILE B 112 -0.48 -13.91 -16.71
CA ILE B 112 -0.69 -15.03 -15.73
C ILE B 112 -0.63 -14.45 -14.30
N ILE B 113 -1.77 -14.22 -13.69
CA ILE B 113 -1.92 -13.47 -12.41
C ILE B 113 -1.23 -14.23 -11.25
N CYS B 114 -1.25 -15.57 -11.26
CA CYS B 114 -0.68 -16.39 -10.13
C CYS B 114 0.86 -16.27 -10.10
N LYS B 115 1.50 -15.85 -11.21
CA LYS B 115 2.97 -15.68 -11.36
C LYS B 115 3.46 -14.30 -10.90
N ARG B 116 2.58 -13.39 -10.51
CA ARG B 116 3.00 -12.01 -10.19
C ARG B 116 3.61 -11.93 -8.80
N LEU B 117 4.53 -10.98 -8.62
CA LEU B 117 5.02 -10.54 -7.29
C LEU B 117 3.82 -10.09 -6.46
N ARG B 118 3.80 -10.46 -5.17
CA ARG B 118 2.73 -10.15 -4.21
C ARG B 118 3.08 -9.08 -3.18
N SER B 119 2.06 -8.41 -2.64
CA SER B 119 2.19 -7.37 -1.58
C SER B 119 2.10 -8.09 -0.21
N GLU B 120 2.31 -7.34 0.85
CA GLU B 120 2.25 -7.77 2.30
C GLU B 120 0.93 -8.54 2.57
N ASP B 121 -0.18 -8.23 1.88
CA ASP B 121 -1.51 -8.88 2.09
C ASP B 121 -1.66 -10.20 1.33
N GLY B 122 -0.60 -10.70 0.68
CA GLY B 122 -0.66 -11.92 -0.14
C GLY B 122 -1.35 -11.78 -1.50
N GLN B 123 -1.79 -10.58 -1.89
CA GLN B 123 -2.48 -10.35 -3.18
C GLN B 123 -1.44 -10.11 -4.29
N PRO B 124 -1.72 -10.56 -5.52
CA PRO B 124 -0.92 -10.18 -6.70
C PRO B 124 -0.93 -8.65 -6.91
N MET B 125 0.24 -8.06 -7.15
CA MET B 125 0.35 -6.59 -7.32
C MET B 125 0.04 -6.24 -8.79
N VAL B 126 -0.52 -5.05 -8.94
CA VAL B 126 -0.63 -4.35 -10.26
C VAL B 126 0.63 -3.49 -10.43
N LEU B 127 1.52 -3.89 -11.34
CA LEU B 127 2.89 -3.31 -11.44
C LEU B 127 3.07 -2.57 -12.79
N LYS B 128 3.94 -1.56 -12.80
CA LYS B 128 4.49 -0.94 -14.04
C LYS B 128 6.01 -1.00 -14.04
N LEU B 129 6.58 -1.21 -15.19
CA LEU B 129 8.05 -1.25 -15.37
C LEU B 129 8.50 0.20 -15.43
N LYS B 130 9.43 0.62 -14.58
CA LYS B 130 9.94 2.00 -14.54
C LYS B 130 11.17 2.12 -15.47
N ASP B 131 11.16 3.17 -16.31
CA ASP B 131 12.38 3.66 -17.01
C ASP B 131 13.01 2.49 -17.78
N TRP B 132 12.26 1.82 -18.65
CA TRP B 132 12.79 0.67 -19.42
C TRP B 132 12.31 0.73 -20.87
N PRO B 133 13.18 0.59 -21.90
CA PRO B 133 14.62 0.73 -21.77
C PRO B 133 14.99 2.05 -21.11
N PRO B 134 16.08 2.08 -20.31
CA PRO B 134 16.43 3.26 -19.52
C PRO B 134 16.90 4.46 -20.37
N GLY B 135 16.54 5.67 -19.91
CA GLY B 135 16.96 6.93 -20.53
C GLY B 135 16.62 6.91 -22.00
N GLU B 136 17.65 6.99 -22.87
CA GLU B 136 17.51 7.06 -24.35
C GLU B 136 18.11 5.81 -24.99
N ASP B 137 18.16 4.67 -24.27
CA ASP B 137 18.78 3.41 -24.76
C ASP B 137 17.86 2.63 -25.74
N PHE B 138 16.63 3.12 -25.98
CA PHE B 138 15.60 2.41 -26.79
C PHE B 138 16.19 2.07 -28.17
N ARG B 139 16.76 3.05 -28.88
CA ARG B 139 17.40 2.81 -30.21
C ARG B 139 18.53 1.77 -30.12
N ASP B 140 19.45 1.91 -29.17
CA ASP B 140 20.66 1.05 -29.04
C ASP B 140 20.27 -0.33 -28.56
N MET B 141 19.30 -0.44 -27.63
CA MET B 141 18.94 -1.75 -27.05
C MET B 141 18.04 -2.52 -28.02
N MET B 142 17.14 -1.83 -28.74
CA MET B 142 16.05 -2.47 -29.54
C MET B 142 16.00 -1.89 -30.95
N PRO B 143 17.07 -2.03 -31.78
CA PRO B 143 17.11 -1.36 -33.09
C PRO B 143 16.00 -1.78 -34.07
N THR B 144 15.62 -3.06 -34.06
CA THR B 144 14.60 -3.58 -35.02
C THR B 144 13.22 -3.04 -34.62
N ARG B 145 12.95 -2.91 -33.31
CA ARG B 145 11.69 -2.32 -32.78
C ARG B 145 11.64 -0.83 -33.10
N PHE B 146 12.73 -0.11 -32.94
CA PHE B 146 12.83 1.33 -33.32
C PHE B 146 12.43 1.51 -34.80
N GLU B 147 13.05 0.74 -35.71
CA GLU B 147 12.82 0.85 -37.18
C GLU B 147 11.34 0.55 -37.47
N ASP B 148 10.77 -0.49 -36.84
CA ASP B 148 9.38 -0.94 -37.09
C ASP B 148 8.40 0.17 -36.67
N LEU B 149 8.57 0.77 -35.50
CA LEU B 149 7.70 1.87 -35.03
C LEU B 149 7.87 3.15 -35.89
N MET B 150 9.10 3.64 -36.08
CA MET B 150 9.33 4.95 -36.80
C MET B 150 8.82 4.91 -38.24
N GLU B 151 8.97 3.79 -38.95
CA GLU B 151 8.54 3.70 -40.35
C GLU B 151 7.02 3.67 -40.42
N ASN B 152 6.31 3.39 -39.32
CA ASN B 152 4.86 3.13 -39.42
C ASN B 152 4.06 4.13 -38.57
N LEU B 153 4.71 5.17 -38.06
CA LEU B 153 3.98 6.23 -37.29
C LEU B 153 3.05 6.99 -38.23
N PRO B 154 1.80 7.22 -37.79
CA PRO B 154 0.87 8.01 -38.60
C PRO B 154 1.25 9.50 -38.57
N LEU B 155 0.64 10.25 -39.49
CA LEU B 155 0.95 11.71 -39.71
C LEU B 155 2.47 11.92 -39.68
N PRO B 156 3.22 11.23 -40.56
CA PRO B 156 4.68 11.24 -40.49
C PRO B 156 5.35 12.60 -40.76
N GLU B 157 4.70 13.49 -41.52
CA GLU B 157 5.25 14.85 -41.73
C GLU B 157 5.27 15.58 -40.40
N TYR B 158 4.43 15.17 -39.43
CA TYR B 158 4.36 15.80 -38.08
C TYR B 158 5.28 15.03 -37.10
N THR B 159 5.29 13.70 -37.20
CA THR B 159 5.80 12.83 -36.09
C THR B 159 7.23 12.31 -36.33
N LYS B 160 7.73 12.16 -37.56
CA LYS B 160 9.13 11.68 -37.80
C LYS B 160 10.15 12.82 -37.60
N ARG B 161 11.40 12.51 -37.20
N ARG B 161 11.39 12.46 -37.23
CA ARG B 161 12.43 13.56 -36.95
CA ARG B 161 12.50 13.42 -36.98
C ARG B 161 12.52 14.46 -38.20
C ARG B 161 12.64 14.40 -38.16
N ASP B 162 12.66 13.86 -39.39
CA ASP B 162 12.84 14.68 -40.62
C ASP B 162 11.52 14.99 -41.28
N GLY B 163 10.40 14.93 -40.55
CA GLY B 163 9.10 15.38 -41.05
C GLY B 163 9.14 16.84 -41.51
N ARG B 164 8.44 17.17 -42.57
CA ARG B 164 8.38 18.56 -43.11
C ARG B 164 7.93 19.51 -42.00
N LEU B 165 6.96 19.11 -41.18
CA LEU B 165 6.29 20.00 -40.19
C LEU B 165 6.65 19.61 -38.76
N ASN B 166 7.69 18.81 -38.54
CA ASN B 166 8.25 18.58 -37.19
C ASN B 166 9.38 19.59 -36.96
N LEU B 167 9.24 20.48 -35.99
CA LEU B 167 10.25 21.56 -35.74
C LEU B 167 11.30 21.12 -34.71
N ALA B 168 11.12 19.96 -34.07
CA ALA B 168 11.95 19.59 -32.89
C ALA B 168 13.45 19.63 -33.18
N SER B 169 13.93 19.13 -34.32
CA SER B 169 15.39 19.09 -34.60
C SER B 169 15.94 20.47 -34.98
N ARG B 170 15.09 21.47 -35.31
CA ARG B 170 15.55 22.79 -35.77
C ARG B 170 15.54 23.84 -34.66
N LEU B 171 14.71 23.69 -33.62
CA LEU B 171 14.52 24.79 -32.63
C LEU B 171 15.55 24.72 -31.51
N PRO B 172 15.90 25.89 -30.94
CA PRO B 172 16.71 25.93 -29.72
C PRO B 172 16.08 25.34 -28.45
N SER B 173 16.91 25.13 -27.41
CA SER B 173 16.48 24.43 -26.16
C SER B 173 15.39 25.19 -25.41
N TYR B 174 15.17 26.51 -25.62
CA TYR B 174 14.07 27.26 -24.95
C TYR B 174 12.67 26.89 -25.53
N PHE B 175 12.62 26.04 -26.61
CA PHE B 175 11.34 25.48 -27.13
C PHE B 175 11.23 23.98 -26.84
N VAL B 176 12.32 23.23 -26.80
CA VAL B 176 12.27 21.73 -26.85
C VAL B 176 13.58 21.12 -26.35
N ARG B 177 13.49 19.97 -25.65
CA ARG B 177 14.66 19.14 -25.28
C ARG B 177 15.28 18.58 -26.56
N PRO B 178 16.62 18.53 -26.66
CA PRO B 178 17.28 17.98 -27.84
C PRO B 178 17.14 16.44 -27.99
N ASP B 179 17.29 15.97 -29.23
CA ASP B 179 17.51 14.55 -29.56
C ASP B 179 16.34 13.70 -29.03
N LEU B 180 15.10 13.99 -29.43
CA LEU B 180 13.89 13.24 -28.97
C LEU B 180 13.98 11.81 -29.52
N GLY B 181 13.55 10.83 -28.71
CA GLY B 181 13.43 9.40 -29.12
C GLY B 181 12.25 8.75 -28.40
N PRO B 182 11.83 7.56 -28.85
CA PRO B 182 10.63 6.90 -28.34
C PRO B 182 10.85 6.37 -26.94
N LYS B 183 9.74 6.31 -26.19
CA LYS B 183 9.70 5.76 -24.80
C LYS B 183 8.60 4.69 -24.75
N MET B 184 8.87 3.65 -24.00
CA MET B 184 7.96 2.48 -23.89
C MET B 184 7.25 2.55 -22.55
N TYR B 185 5.94 2.29 -22.49
CA TYR B 185 5.11 2.31 -21.25
C TYR B 185 4.46 0.94 -21.07
N ASN B 186 4.88 0.21 -20.03
CA ASN B 186 4.55 -1.23 -19.86
C ASN B 186 3.95 -1.40 -18.45
N ALA B 187 2.69 -1.81 -18.34
CA ALA B 187 2.04 -1.93 -17.01
C ALA B 187 0.92 -2.96 -17.07
N TYR B 188 0.66 -3.61 -15.93
CA TYR B 188 -0.47 -4.55 -15.81
C TYR B 188 -1.81 -3.80 -15.84
N GLY B 189 -2.93 -4.53 -16.06
CA GLY B 189 -4.29 -3.97 -15.93
C GLY B 189 -4.73 -3.75 -14.49
N LEU B 190 -5.44 -2.68 -14.18
CA LEU B 190 -6.16 -2.53 -12.89
C LEU B 190 -7.36 -3.48 -12.87
N ILE B 191 -7.77 -4.00 -11.69
CA ILE B 191 -8.63 -5.22 -11.60
C ILE B 191 -9.87 -4.99 -10.71
N THR B 192 -9.70 -4.42 -9.51
CA THR B 192 -10.75 -4.46 -8.46
C THR B 192 -11.66 -3.24 -8.52
N ALA B 193 -12.76 -3.25 -7.78
CA ALA B 193 -13.64 -2.08 -7.62
C ALA B 193 -12.88 -0.92 -6.96
N GLU B 194 -11.99 -1.17 -5.99
CA GLU B 194 -11.17 -0.13 -5.33
C GLU B 194 -10.15 0.41 -6.37
N ASP B 195 -9.72 -0.43 -7.30
CA ASP B 195 -8.75 -0.02 -8.36
C ASP B 195 -9.37 1.00 -9.32
N ARG B 196 -10.70 1.12 -9.38
CA ARG B 196 -11.37 2.08 -10.31
C ARG B 196 -10.86 3.49 -10.09
N ARG B 197 -10.51 3.88 -8.87
CA ARG B 197 -10.06 5.23 -8.48
C ARG B 197 -8.53 5.42 -8.62
N VAL B 198 -7.81 4.45 -9.17
CA VAL B 198 -6.32 4.44 -9.29
C VAL B 198 -5.96 4.74 -10.75
N GLY B 199 -4.90 5.54 -10.94
CA GLY B 199 -4.23 5.72 -12.25
C GLY B 199 -3.10 4.73 -12.51
N THR B 200 -2.97 4.26 -13.74
CA THR B 200 -1.70 3.71 -14.26
C THR B 200 -0.69 4.87 -14.34
N THR B 201 -1.11 5.98 -14.96
CA THR B 201 -0.33 7.24 -15.03
C THR B 201 -1.21 8.37 -14.48
N ASN B 202 -0.81 9.02 -13.39
CA ASN B 202 -1.61 10.08 -12.77
C ASN B 202 -1.69 11.30 -13.70
N LEU B 203 -2.66 12.14 -13.43
CA LEU B 203 -2.89 13.41 -14.16
C LEU B 203 -1.58 14.22 -14.21
N HIS B 204 -1.17 14.65 -15.40
CA HIS B 204 0.09 15.41 -15.62
C HIS B 204 -0.06 16.13 -16.97
N LEU B 205 0.86 17.04 -17.29
CA LEU B 205 1.00 17.52 -18.69
C LEU B 205 2.42 17.28 -19.18
N ASP B 206 2.60 17.38 -20.51
CA ASP B 206 3.92 17.28 -21.20
C ASP B 206 4.18 18.58 -21.95
N VAL B 207 5.46 19.00 -22.02
CA VAL B 207 5.89 20.32 -22.55
C VAL B 207 6.01 20.29 -24.08
N SER B 208 5.89 19.13 -24.71
CA SER B 208 5.87 18.99 -26.19
C SER B 208 4.57 18.33 -26.63
N ASP B 209 4.26 18.38 -27.93
CA ASP B 209 3.25 17.48 -28.51
C ASP B 209 3.74 16.01 -28.43
N ALA B 210 2.80 15.04 -28.47
CA ALA B 210 3.16 13.61 -28.50
C ALA B 210 2.12 12.75 -29.21
N VAL B 211 2.59 11.58 -29.66
CA VAL B 211 1.74 10.48 -30.16
C VAL B 211 2.02 9.22 -29.36
N ASN B 212 0.99 8.55 -28.89
CA ASN B 212 1.07 7.30 -28.06
C ASN B 212 0.36 6.16 -28.81
N VAL B 213 1.10 5.12 -29.18
CA VAL B 213 0.59 3.95 -29.95
C VAL B 213 0.43 2.71 -29.03
N MET B 214 -0.77 2.12 -29.00
CA MET B 214 -1.03 0.82 -28.31
C MET B 214 -0.48 -0.30 -29.20
N VAL B 215 0.60 -1.00 -28.81
CA VAL B 215 1.16 -2.04 -29.71
C VAL B 215 0.80 -3.47 -29.24
N TYR B 216 0.33 -3.64 -28.01
CA TYR B 216 -0.05 -5.00 -27.47
C TYR B 216 -1.03 -4.84 -26.32
N VAL B 217 -2.07 -5.69 -26.28
CA VAL B 217 -3.07 -5.75 -25.18
C VAL B 217 -3.18 -7.24 -24.77
N GLY B 218 -2.88 -7.50 -23.49
CA GLY B 218 -2.85 -8.86 -22.92
C GLY B 218 -3.98 -9.03 -21.94
N ILE B 219 -4.90 -9.88 -22.29
CA ILE B 219 -6.12 -10.22 -21.52
C ILE B 219 -5.89 -11.54 -20.76
N PRO B 220 -5.78 -11.56 -19.42
CA PRO B 220 -5.69 -12.82 -18.66
C PRO B 220 -7.01 -13.60 -18.79
N ILE B 221 -6.98 -14.96 -18.80
CA ILE B 221 -8.21 -15.81 -18.72
C ILE B 221 -8.43 -16.24 -17.26
N ALA B 225 -12.70 -14.62 -17.80
CA ALA B 225 -13.32 -13.32 -18.14
C ALA B 225 -13.76 -12.60 -16.86
N HIS B 226 -13.05 -11.53 -16.48
CA HIS B 226 -13.42 -10.58 -15.40
C HIS B 226 -13.85 -9.26 -16.07
N ASP B 227 -14.53 -9.37 -17.21
CA ASP B 227 -15.07 -8.26 -18.05
C ASP B 227 -16.14 -7.47 -17.26
N GLU B 228 -16.48 -7.90 -16.05
CA GLU B 228 -17.58 -7.31 -15.23
C GLU B 228 -17.13 -5.92 -14.77
N GLU B 229 -16.00 -5.85 -14.06
CA GLU B 229 -15.44 -4.59 -13.52
C GLU B 229 -14.92 -3.71 -14.68
N VAL B 230 -14.40 -4.32 -15.76
CA VAL B 230 -13.95 -3.56 -16.97
C VAL B 230 -15.15 -2.82 -17.59
N LEU B 231 -16.28 -3.52 -17.88
CA LEU B 231 -17.53 -2.88 -18.42
C LEU B 231 -18.01 -1.72 -17.51
N LYS B 232 -17.98 -1.88 -16.19
CA LYS B 232 -18.43 -0.82 -15.25
C LYS B 232 -17.43 0.35 -15.24
N THR B 233 -16.12 0.07 -15.35
CA THR B 233 -15.06 1.13 -15.36
C THR B 233 -15.27 2.01 -16.62
N ILE B 234 -15.58 1.38 -17.75
CA ILE B 234 -15.81 2.08 -19.06
C ILE B 234 -17.05 2.97 -18.92
N ASP B 235 -18.11 2.44 -18.29
CA ASP B 235 -19.41 3.16 -18.21
C ASP B 235 -19.27 4.39 -17.29
N GLU B 236 -18.85 4.15 -16.03
CA GLU B 236 -18.63 5.19 -15.00
C GLU B 236 -17.55 6.18 -15.48
N GLY B 237 -16.63 5.70 -16.33
CA GLY B 237 -15.55 6.52 -16.94
C GLY B 237 -16.11 7.50 -17.96
N ASP B 238 -17.37 7.32 -18.38
CA ASP B 238 -18.11 8.31 -19.22
C ASP B 238 -17.72 8.18 -20.69
N ALA B 239 -17.32 6.99 -21.14
CA ALA B 239 -17.20 6.63 -22.57
C ALA B 239 -18.53 6.85 -23.29
N ASP B 240 -18.50 7.14 -24.58
CA ASP B 240 -19.72 7.41 -25.41
C ASP B 240 -20.38 6.08 -25.77
N GLU B 241 -21.62 6.10 -26.30
CA GLU B 241 -22.42 4.86 -26.54
C GLU B 241 -21.82 4.00 -27.65
N VAL B 242 -21.27 4.59 -28.71
CA VAL B 242 -20.69 3.83 -29.84
C VAL B 242 -19.55 2.96 -29.27
N THR B 243 -18.76 3.55 -28.37
CA THR B 243 -17.57 2.89 -27.76
C THR B 243 -18.07 1.73 -26.86
N LYS B 244 -19.05 2.00 -26.00
CA LYS B 244 -19.66 0.99 -25.10
C LYS B 244 -20.25 -0.19 -25.90
N GLU B 245 -21.05 0.07 -26.94
CA GLU B 245 -21.74 -1.03 -27.68
C GLU B 245 -20.69 -1.73 -28.54
N ARG B 246 -19.53 -1.11 -28.68
CA ARG B 246 -18.46 -1.64 -29.55
C ARG B 246 -17.57 -2.62 -28.77
N ILE B 247 -17.59 -2.62 -27.44
CA ILE B 247 -16.81 -3.63 -26.68
C ILE B 247 -17.61 -4.95 -26.60
N HIS B 248 -18.55 -5.17 -27.56
CA HIS B 248 -19.10 -6.50 -27.94
C HIS B 248 -19.60 -6.58 -29.40
N ASP B 249 -19.59 -5.49 -30.20
CA ASP B 249 -20.18 -5.44 -31.57
C ASP B 249 -19.21 -6.08 -32.58
N HIS B 250 -17.90 -5.83 -32.40
CA HIS B 250 -16.79 -6.69 -32.89
C HIS B 250 -16.28 -7.49 -31.69
N LYS B 251 -15.06 -8.05 -31.76
CA LYS B 251 -14.27 -8.43 -30.55
C LYS B 251 -12.88 -7.79 -30.65
N GLU B 252 -12.80 -6.47 -30.52
CA GLU B 252 -11.49 -5.77 -30.41
C GLU B 252 -11.04 -5.93 -28.97
N LYS B 253 -9.83 -5.46 -28.74
CA LYS B 253 -9.11 -5.54 -27.45
C LYS B 253 -8.97 -4.12 -26.92
N PRO B 254 -9.87 -3.67 -26.01
CA PRO B 254 -9.69 -2.40 -25.30
C PRO B 254 -8.51 -2.44 -24.32
N GLY B 255 -7.56 -1.52 -24.43
CA GLY B 255 -6.33 -1.52 -23.61
C GLY B 255 -6.42 -0.56 -22.43
N ALA B 256 -6.75 0.72 -22.64
CA ALA B 256 -6.67 1.75 -21.60
C ALA B 256 -7.77 2.81 -21.76
N LEU B 257 -8.19 3.36 -20.63
CA LEU B 257 -9.15 4.46 -20.52
C LEU B 257 -8.37 5.73 -20.20
N TRP B 258 -8.42 6.72 -21.11
CA TRP B 258 -7.78 8.05 -20.94
C TRP B 258 -8.84 9.10 -20.53
N HIS B 259 -8.47 10.10 -19.78
CA HIS B 259 -9.17 11.41 -19.69
C HIS B 259 -8.16 12.50 -20.11
N ILE B 260 -8.51 13.27 -21.15
CA ILE B 260 -7.67 14.38 -21.69
C ILE B 260 -8.47 15.67 -21.54
N TYR B 261 -7.80 16.76 -21.14
CA TYR B 261 -8.40 18.13 -20.99
C TYR B 261 -7.64 19.11 -21.89
N ALA B 262 -8.34 20.12 -22.39
CA ALA B 262 -7.71 21.17 -23.21
C ALA B 262 -6.62 21.94 -22.41
N ALA B 263 -5.52 22.32 -23.06
CA ALA B 263 -4.44 23.12 -22.48
C ALA B 263 -4.99 24.39 -21.81
N LYS B 264 -6.02 25.03 -22.37
CA LYS B 264 -6.61 26.27 -21.78
C LYS B 264 -7.38 26.01 -20.48
N ASP B 265 -7.69 24.76 -20.09
CA ASP B 265 -8.44 24.40 -18.85
C ASP B 265 -7.50 24.01 -17.71
N ALA B 266 -6.19 24.01 -17.93
CA ALA B 266 -5.22 23.54 -16.90
C ALA B 266 -5.36 24.35 -15.60
N GLU B 267 -5.50 25.68 -15.66
CA GLU B 267 -5.49 26.53 -14.43
C GLU B 267 -6.76 26.25 -13.62
N LYS B 268 -7.90 26.04 -14.26
CA LYS B 268 -9.18 25.68 -13.58
C LYS B 268 -9.01 24.32 -12.88
N ILE B 269 -8.30 23.38 -13.49
CA ILE B 269 -8.06 22.07 -12.85
C ILE B 269 -7.18 22.28 -11.62
N ARG B 270 -6.20 23.18 -11.71
CA ARG B 270 -5.29 23.44 -10.57
C ARG B 270 -6.11 24.06 -9.42
N GLU B 271 -7.02 24.97 -9.74
CA GLU B 271 -7.89 25.63 -8.71
C GLU B 271 -8.67 24.54 -7.96
N LEU B 272 -9.35 23.65 -8.69
CA LEU B 272 -10.13 22.54 -8.08
C LEU B 272 -9.22 21.74 -7.14
N LEU B 273 -8.05 21.28 -7.60
CA LEU B 273 -7.21 20.35 -6.81
C LEU B 273 -6.52 21.03 -5.62
N ARG B 274 -6.22 22.33 -5.69
CA ARG B 274 -5.70 23.12 -4.52
C ARG B 274 -6.77 23.09 -3.40
N LYS B 275 -8.03 23.31 -3.78
CA LYS B 275 -9.21 23.29 -2.86
C LYS B 275 -9.33 21.89 -2.26
N VAL B 276 -9.46 20.84 -3.08
CA VAL B 276 -9.69 19.45 -2.61
C VAL B 276 -8.54 19.04 -1.69
N GLY B 277 -7.30 19.42 -2.03
CA GLY B 277 -6.10 19.11 -1.22
C GLY B 277 -6.22 19.74 0.17
N GLU B 278 -6.73 20.98 0.24
CA GLU B 278 -6.94 21.73 1.50
C GLU B 278 -8.04 21.03 2.32
N GLU B 279 -9.12 20.58 1.67
CA GLU B 279 -10.23 19.79 2.31
C GLU B 279 -9.68 18.49 2.90
N GLN B 280 -8.67 17.88 2.29
CA GLN B 280 -8.13 16.55 2.70
C GLN B 280 -6.95 16.68 3.68
N GLY B 281 -6.62 17.88 4.16
CA GLY B 281 -5.59 18.05 5.20
C GLY B 281 -4.32 18.72 4.68
N GLN B 282 -3.89 18.39 3.45
CA GLN B 282 -2.63 18.92 2.83
C GLN B 282 -2.46 20.41 3.18
N GLU B 283 -1.25 20.82 3.55
CA GLU B 283 -0.90 22.24 3.80
C GLU B 283 0.05 22.69 2.69
N ASN B 284 -0.50 23.25 1.62
CA ASN B 284 0.24 23.65 0.39
C ASN B 284 0.22 25.17 0.31
N PRO B 285 1.29 25.83 -0.20
CA PRO B 285 1.22 27.25 -0.56
C PRO B 285 0.13 27.52 -1.61
N PRO B 286 -0.35 28.78 -1.75
CA PRO B 286 -1.41 29.08 -2.73
C PRO B 286 -0.94 29.00 -4.19
N ASP B 287 0.39 28.95 -4.40
CA ASP B 287 1.09 28.86 -5.72
C ASP B 287 1.16 27.41 -6.19
N HIS B 288 1.00 26.45 -5.29
CA HIS B 288 1.30 25.02 -5.48
C HIS B 288 0.66 24.51 -6.79
N ASP B 289 1.36 23.62 -7.48
CA ASP B 289 0.93 23.10 -8.82
C ASP B 289 0.61 21.61 -8.70
N PRO B 290 -0.67 21.25 -8.50
CA PRO B 290 -1.08 19.85 -8.37
C PRO B 290 -0.94 19.02 -9.66
N ILE B 291 -0.87 19.69 -10.82
CA ILE B 291 -0.62 18.98 -12.12
C ILE B 291 0.88 18.62 -12.18
N HIS B 292 1.77 19.57 -11.84
CA HIS B 292 3.22 19.32 -11.72
C HIS B 292 3.49 18.20 -10.70
N ASP B 293 2.73 18.13 -9.61
CA ASP B 293 2.96 17.11 -8.55
C ASP B 293 2.75 15.68 -9.06
N GLN B 294 1.93 15.46 -10.10
CA GLN B 294 1.61 14.14 -10.69
C GLN B 294 1.09 13.17 -9.59
N SER B 295 0.33 13.68 -8.60
CA SER B 295 -0.13 12.92 -7.41
C SER B 295 -1.63 12.61 -7.47
N TRP B 296 -2.38 13.15 -8.45
CA TRP B 296 -3.86 13.03 -8.53
C TRP B 296 -4.33 12.10 -9.66
N TYR B 297 -5.39 11.35 -9.39
CA TYR B 297 -6.21 10.72 -10.43
C TYR B 297 -7.65 11.20 -10.28
N LEU B 298 -8.23 11.81 -11.32
CA LEU B 298 -9.62 12.30 -11.25
C LEU B 298 -10.60 11.13 -11.41
N ASP B 299 -11.23 10.74 -10.27
CA ASP B 299 -12.22 9.65 -10.19
C ASP B 299 -13.57 10.24 -10.58
N GLN B 300 -14.64 9.44 -10.56
CA GLN B 300 -15.96 9.94 -11.01
C GLN B 300 -16.37 11.17 -10.20
N THR B 301 -16.17 11.14 -8.89
CA THR B 301 -16.57 12.25 -7.99
C THR B 301 -15.84 13.53 -8.45
N LEU B 302 -14.54 13.46 -8.69
CA LEU B 302 -13.76 14.68 -9.03
C LEU B 302 -14.11 15.17 -10.44
N ARG B 303 -14.28 14.27 -11.41
CA ARG B 303 -14.63 14.66 -12.81
C ARG B 303 -15.97 15.41 -12.81
N LYS B 304 -16.96 14.91 -12.04
CA LYS B 304 -18.33 15.53 -11.97
C LYS B 304 -18.23 16.94 -11.35
N ARG B 305 -17.45 17.09 -10.28
CA ARG B 305 -17.21 18.36 -9.58
C ARG B 305 -16.44 19.36 -10.47
N LEU B 306 -15.48 18.89 -11.28
CA LEU B 306 -14.75 19.77 -12.24
C LEU B 306 -15.79 20.36 -13.20
N TYR B 307 -16.70 19.57 -13.75
CA TYR B 307 -17.75 20.06 -14.68
C TYR B 307 -18.73 21.03 -13.99
N GLU B 308 -19.27 20.61 -12.84
N GLU B 308 -19.25 20.67 -12.82
CA GLU B 308 -20.27 21.35 -12.00
CA GLU B 308 -20.31 21.45 -12.13
C GLU B 308 -19.69 22.72 -11.61
C GLU B 308 -19.73 22.75 -11.54
N GLU B 309 -18.55 22.70 -10.92
CA GLU B 309 -17.95 23.94 -10.32
C GLU B 309 -17.22 24.80 -11.35
N TYR B 310 -16.61 24.25 -12.40
CA TYR B 310 -15.71 25.05 -13.26
C TYR B 310 -16.07 25.10 -14.76
N GLY B 311 -17.08 24.32 -15.17
CA GLY B 311 -17.53 24.28 -16.57
C GLY B 311 -16.50 23.60 -17.48
N VAL B 312 -15.68 22.71 -16.92
CA VAL B 312 -14.60 21.98 -17.65
C VAL B 312 -15.04 20.52 -17.85
N GLN B 313 -15.19 20.08 -19.10
CA GLN B 313 -15.68 18.71 -19.45
C GLN B 313 -14.50 17.73 -19.39
N GLY B 314 -13.94 17.32 -20.53
CA GLY B 314 -12.89 16.27 -20.65
C GLY B 314 -13.26 15.21 -21.68
N TRP B 315 -12.32 14.86 -22.57
CA TRP B 315 -12.44 13.71 -23.51
C TRP B 315 -12.24 12.42 -22.70
N ALA B 316 -13.19 11.49 -22.78
CA ALA B 316 -13.03 10.12 -22.22
C ALA B 316 -12.80 9.18 -23.41
N ILE B 317 -11.59 8.65 -23.55
CA ILE B 317 -11.13 7.88 -24.74
C ILE B 317 -10.78 6.46 -24.30
N VAL B 318 -11.26 5.49 -25.04
CA VAL B 318 -10.78 4.08 -24.92
C VAL B 318 -9.83 3.79 -26.08
N GLN B 319 -8.57 3.50 -25.71
CA GLN B 319 -7.51 3.19 -26.65
C GLN B 319 -7.52 1.68 -26.82
N PHE B 320 -7.87 1.23 -28.02
CA PHE B 320 -7.82 -0.21 -28.39
C PHE B 320 -6.45 -0.54 -28.97
N LEU B 321 -6.17 -1.83 -29.18
CA LEU B 321 -4.96 -2.30 -29.91
C LEU B 321 -4.85 -1.58 -31.26
N GLY B 322 -3.69 -0.96 -31.53
CA GLY B 322 -3.38 -0.27 -32.80
C GLY B 322 -3.80 1.19 -32.80
N ASP B 323 -4.47 1.70 -31.76
CA ASP B 323 -4.92 3.12 -31.72
C ASP B 323 -3.71 4.00 -31.33
N ALA B 324 -3.48 5.06 -32.11
CA ALA B 324 -2.54 6.14 -31.82
C ALA B 324 -3.31 7.35 -31.34
N VAL B 325 -2.99 7.83 -30.13
CA VAL B 325 -3.63 8.99 -29.48
C VAL B 325 -2.66 10.16 -29.61
N PHE B 326 -3.10 11.26 -30.27
CA PHE B 326 -2.30 12.50 -30.42
C PHE B 326 -2.70 13.45 -29.31
N ILE B 327 -1.74 13.91 -28.53
CA ILE B 327 -1.93 14.71 -27.27
C ILE B 327 -1.28 16.08 -27.47
N PRO B 328 -2.07 17.19 -27.48
CA PRO B 328 -1.50 18.54 -27.61
C PRO B 328 -0.58 18.87 -26.42
N ALA B 329 0.52 19.58 -26.70
CA ALA B 329 1.43 20.16 -25.69
C ALA B 329 0.56 20.89 -24.62
N GLY B 330 0.78 20.57 -23.35
CA GLY B 330 0.14 21.28 -22.22
C GLY B 330 -1.27 20.78 -21.93
N ALA B 331 -1.82 19.82 -22.68
CA ALA B 331 -3.17 19.24 -22.40
C ALA B 331 -3.02 18.29 -21.20
N PRO B 332 -3.59 18.57 -20.02
CA PRO B 332 -3.51 17.59 -18.92
C PRO B 332 -4.19 16.26 -19.25
N HIS B 333 -3.61 15.13 -18.81
CA HIS B 333 -4.15 13.81 -19.14
C HIS B 333 -3.76 12.78 -18.05
N GLN B 334 -4.58 11.74 -17.96
CA GLN B 334 -4.39 10.57 -17.06
C GLN B 334 -4.74 9.30 -17.83
N VAL B 335 -4.17 8.16 -17.42
CA VAL B 335 -4.37 6.86 -18.09
C VAL B 335 -4.70 5.80 -17.06
N HIS B 336 -5.66 4.92 -17.37
CA HIS B 336 -6.09 3.80 -16.47
C HIS B 336 -6.14 2.52 -17.29
N ASN B 337 -5.13 1.62 -17.14
CA ASN B 337 -5.09 0.38 -17.95
C ASN B 337 -6.27 -0.53 -17.53
N LEU B 338 -7.04 -0.98 -18.52
CA LEU B 338 -8.15 -1.96 -18.36
C LEU B 338 -7.61 -3.39 -18.36
N TYR B 339 -6.64 -3.67 -19.21
CA TYR B 339 -5.89 -4.93 -19.30
C TYR B 339 -4.38 -4.58 -19.32
N SER B 340 -3.49 -5.56 -19.27
CA SER B 340 -2.04 -5.35 -19.40
C SER B 340 -1.75 -4.75 -20.79
N CYS B 341 -0.95 -3.69 -20.84
CA CYS B 341 -0.68 -2.94 -22.11
C CYS B 341 0.81 -2.72 -22.34
N ILE B 342 1.23 -2.77 -23.60
CA ILE B 342 2.52 -2.22 -24.13
C ILE B 342 2.19 -1.01 -25.04
N LYS B 343 2.61 0.18 -24.63
CA LYS B 343 2.42 1.43 -25.43
C LYS B 343 3.82 2.00 -25.78
N VAL B 344 3.94 2.64 -26.97
CA VAL B 344 5.19 3.37 -27.31
C VAL B 344 4.79 4.79 -27.71
N ALA B 345 5.48 5.78 -27.18
CA ALA B 345 5.21 7.23 -27.42
C ALA B 345 6.41 7.95 -28.03
N GLU B 346 6.12 8.92 -28.94
CA GLU B 346 7.15 9.81 -29.55
C GLU B 346 6.72 11.27 -29.37
N ASP B 347 7.60 12.11 -28.81
CA ASP B 347 7.41 13.56 -28.68
C ASP B 347 7.77 14.24 -30.03
N PHE B 348 7.11 15.36 -30.33
CA PHE B 348 7.40 16.17 -31.55
C PHE B 348 6.99 17.62 -31.28
N VAL B 349 7.27 18.55 -32.21
CA VAL B 349 6.85 19.96 -32.07
C VAL B 349 6.16 20.42 -33.34
N SER B 350 4.84 20.63 -33.32
CA SER B 350 4.07 21.18 -34.48
C SER B 350 4.14 22.71 -34.47
N PRO B 351 4.16 23.35 -35.68
CA PRO B 351 4.04 24.79 -35.79
C PRO B 351 2.81 25.37 -35.07
N GLU B 352 1.71 24.64 -35.08
CA GLU B 352 0.40 25.05 -34.49
C GLU B 352 0.60 25.33 -32.99
N HIS B 353 1.49 24.58 -32.31
CA HIS B 353 1.65 24.66 -30.85
C HIS B 353 3.03 25.20 -30.41
N VAL B 354 3.80 25.84 -31.30
CA VAL B 354 5.18 26.28 -30.94
C VAL B 354 5.17 27.36 -29.83
N LYS B 355 4.17 28.24 -29.78
CA LYS B 355 4.09 29.26 -28.70
C LYS B 355 3.88 28.56 -27.37
N HIS B 356 2.95 27.60 -27.31
CA HIS B 356 2.69 26.79 -26.09
C HIS B 356 3.98 26.11 -25.65
N CYS B 357 4.70 25.47 -26.56
CA CYS B 357 5.96 24.75 -26.24
C CYS B 357 7.00 25.69 -25.56
N PHE B 358 7.15 26.93 -26.03
CA PHE B 358 8.03 27.95 -25.39
C PHE B 358 7.54 28.25 -23.96
N ARG B 359 6.27 28.54 -23.77
CA ARG B 359 5.72 28.94 -22.43
C ARG B 359 5.80 27.74 -21.48
N LEU B 360 5.48 26.55 -21.95
CA LEU B 360 5.56 25.34 -21.07
C LEU B 360 7.00 25.04 -20.68
N THR B 361 7.99 25.20 -21.55
CA THR B 361 9.39 24.95 -21.24
C THR B 361 9.83 25.99 -20.16
N GLN B 362 9.47 27.24 -20.35
CA GLN B 362 9.75 28.32 -19.37
C GLN B 362 9.21 27.90 -17.99
N GLU B 363 7.95 27.46 -17.91
CA GLU B 363 7.26 27.14 -16.63
C GLU B 363 7.95 25.90 -16.04
N PHE B 364 8.33 24.89 -16.85
CA PHE B 364 9.04 23.67 -16.35
C PHE B 364 10.34 24.09 -15.67
N ARG B 365 11.15 24.94 -16.29
CA ARG B 365 12.43 25.46 -15.74
C ARG B 365 12.16 26.17 -14.41
N HIS B 366 11.12 27.02 -14.35
CA HIS B 366 10.72 27.77 -13.11
C HIS B 366 10.34 26.79 -11.98
N LEU B 367 9.51 25.77 -12.28
CA LEU B 367 9.05 24.77 -11.26
C LEU B 367 10.21 23.87 -10.84
N SER B 368 11.24 23.76 -11.67
CA SER B 368 12.45 22.93 -11.43
C SER B 368 13.25 23.45 -10.22
N ASN B 369 13.43 24.77 -10.10
CA ASN B 369 14.25 25.40 -9.03
C ASN B 369 13.42 26.43 -8.27
#